data_8JV6
#
_entry.id   8JV6
#
_cell.length_a   1.00
_cell.length_b   1.00
_cell.length_c   1.00
_cell.angle_alpha   90.00
_cell.angle_beta   90.00
_cell.angle_gamma   90.00
#
_symmetry.space_group_name_H-M   'P 1'
#
loop_
_entity.id
_entity.type
_entity.pdbx_description
1 polymer 'P2X purinoceptor'
2 non-polymer 2-acetamido-2-deoxy-beta-D-glucopyranose
3 non-polymer N-[4-(3-chloranylphenoxy)-3-sulfamoyl-phenyl]-2-phenyl-ethanamide
#
_entity_poly.entity_id   1
_entity_poly.type   'polypeptide(L)'
_entity_poly.pdbx_seq_one_letter_code
;DSVSQCFFDYYTSKILIIRSKKVGTLNRFTQALVIAYVIGYVCVYNKGYQDTDTVLSSVTTKVKGIALTNTSELGERIWD
VADYIIPPQEDGSFFVLTNMIITTNQTQSKCAENPTPASTCTSHRDCKRGFNDARGDGVRTGRCVSYSASVKTCEVLSWC
PLEKIVDPPNPPLLADAENFTVLIKNNIRYPKFNFNKRNILPNINSSYLTHCVFSRKTDPDCPIFRLGDIVGEAEEDFQI
MAVRGGVMGVQIRWDCDLDMPQSWCVPRYTFRRLDNKDPDNNVAPGYNFRFAKYYKNSDGTETRTLIKGYGIRFDVMVFG
QAGKFNIIPTLLNIGAGLALLGLVNVICDW
;
_entity_poly.pdbx_strand_id   A,B,C
#
# COMPACT_ATOMS: atom_id res chain seq x y z
N ILE A 35 49.38 19.69 -7.90
CA ILE A 35 48.36 20.52 -7.28
C ILE A 35 47.56 19.70 -6.27
N ALA A 36 48.19 19.39 -5.13
CA ALA A 36 47.49 18.62 -4.10
C ALA A 36 46.31 19.38 -3.53
N TYR A 37 46.38 20.71 -3.52
CA TYR A 37 45.26 21.51 -3.00
C TYR A 37 44.00 21.30 -3.83
N VAL A 38 44.15 21.24 -5.15
CA VAL A 38 42.98 21.09 -6.03
C VAL A 38 42.30 19.77 -5.78
N ILE A 39 43.06 18.68 -5.75
CA ILE A 39 42.46 17.36 -5.54
C ILE A 39 41.90 17.24 -4.12
N GLY A 40 42.57 17.86 -3.14
CA GLY A 40 42.04 17.85 -1.79
C GLY A 40 40.70 18.56 -1.70
N TYR A 41 40.59 19.73 -2.33
CA TYR A 41 39.32 20.45 -2.33
C TYR A 41 38.25 19.68 -3.10
N VAL A 42 38.63 19.02 -4.19
CA VAL A 42 37.68 18.24 -4.97
C VAL A 42 37.12 17.09 -4.12
N CYS A 43 38.01 16.38 -3.42
CA CYS A 43 37.56 15.32 -2.53
C CYS A 43 36.72 15.86 -1.38
N VAL A 44 37.04 17.07 -0.90
CA VAL A 44 36.29 17.65 0.20
C VAL A 44 34.85 17.98 -0.22
N TYR A 45 34.68 18.63 -1.37
CA TYR A 45 33.36 19.13 -1.71
C TYR A 45 32.53 18.13 -2.51
N ASN A 46 33.17 17.26 -3.29
CA ASN A 46 32.44 16.30 -4.10
C ASN A 46 32.05 15.04 -3.32
N LYS A 47 32.51 14.91 -2.08
CA LYS A 47 32.23 13.73 -1.25
C LYS A 47 32.71 12.45 -1.94
N GLY A 48 33.88 12.52 -2.57
CA GLY A 48 34.46 11.33 -3.16
C GLY A 48 34.97 10.35 -2.13
N TYR A 49 35.36 10.85 -0.95
CA TYR A 49 35.78 9.98 0.14
C TYR A 49 34.61 9.28 0.82
N GLN A 50 33.39 9.60 0.42
CA GLN A 50 32.20 9.09 1.10
C GLN A 50 31.77 7.75 0.50
N ASP A 51 31.15 6.92 1.33
CA ASP A 51 30.53 5.68 0.90
C ASP A 51 29.06 5.76 1.29
N THR A 52 28.18 5.58 0.31
CA THR A 52 26.77 5.95 0.45
C THR A 52 25.87 4.73 0.49
N ASP A 53 24.69 4.93 1.07
CA ASP A 53 23.68 3.88 1.21
C ASP A 53 22.31 4.53 1.23
N THR A 54 21.29 3.73 0.91
CA THR A 54 19.92 4.20 0.80
C THR A 54 19.17 4.01 2.12
N VAL A 55 17.90 4.40 2.14
CA VAL A 55 17.11 4.49 3.36
C VAL A 55 15.93 3.52 3.27
N LEU A 56 15.70 2.78 4.35
CA LEU A 56 14.57 1.86 4.48
C LEU A 56 13.63 2.42 5.54
N SER A 57 12.43 2.83 5.12
CA SER A 57 11.59 3.67 5.94
C SER A 57 10.23 3.06 6.22
N SER A 58 9.61 3.52 7.30
CA SER A 58 8.26 3.16 7.70
C SER A 58 7.52 4.41 8.17
N VAL A 59 6.25 4.53 7.78
CA VAL A 59 5.44 5.71 8.04
C VAL A 59 4.13 5.29 8.68
N THR A 60 3.68 6.07 9.67
CA THR A 60 2.40 5.83 10.33
C THR A 60 1.71 7.17 10.58
N THR A 61 0.49 7.33 10.07
CA THR A 61 -0.21 8.60 10.15
C THR A 61 -1.54 8.43 10.88
N LYS A 62 -1.84 9.39 11.75
CA LYS A 62 -3.12 9.45 12.46
C LYS A 62 -3.77 10.79 12.22
N VAL A 63 -5.05 10.78 11.83
CA VAL A 63 -5.79 12.00 11.53
C VAL A 63 -6.76 12.28 12.67
N LYS A 64 -6.73 13.50 13.18
CA LYS A 64 -7.59 13.93 14.28
C LYS A 64 -8.37 15.16 13.86
N GLY A 65 -9.66 15.14 14.10
CA GLY A 65 -10.51 16.28 13.78
C GLY A 65 -11.96 15.86 13.79
N ILE A 66 -12.82 16.85 13.54
CA ILE A 66 -14.26 16.62 13.47
C ILE A 66 -14.83 17.61 12.48
N ALA A 67 -15.96 17.25 11.86
CA ALA A 67 -16.60 18.09 10.87
C ALA A 67 -18.10 18.02 11.04
N LEU A 68 -18.76 19.15 10.76
CA LEU A 68 -20.21 19.24 10.84
C LEU A 68 -20.76 19.68 9.49
N THR A 69 -21.82 19.01 9.04
CA THR A 69 -22.47 19.34 7.79
C THR A 69 -23.94 19.65 8.04
N ASN A 70 -24.48 20.57 7.25
CA ASN A 70 -25.87 21.02 7.38
C ASN A 70 -26.46 21.10 5.98
N THR A 71 -27.23 20.08 5.60
CA THR A 71 -27.84 20.02 4.28
C THR A 71 -29.27 19.54 4.41
N SER A 72 -30.03 19.69 3.33
CA SER A 72 -31.45 19.31 3.35
C SER A 72 -31.60 17.79 3.40
N GLU A 73 -30.80 17.06 2.63
CA GLU A 73 -30.97 15.61 2.54
C GLU A 73 -30.58 14.92 3.84
N LEU A 74 -29.43 15.29 4.40
CA LEU A 74 -28.90 14.63 5.59
C LEU A 74 -29.20 15.40 6.87
N GLY A 75 -29.95 16.50 6.80
CA GLY A 75 -30.21 17.29 7.99
C GLY A 75 -28.93 17.87 8.55
N GLU A 76 -28.74 17.73 9.86
CA GLU A 76 -27.52 18.11 10.54
C GLU A 76 -26.74 16.85 10.90
N ARG A 77 -25.45 16.85 10.61
CA ARG A 77 -24.64 15.65 10.72
C ARG A 77 -23.26 16.00 11.24
N ILE A 78 -22.64 15.04 11.93
CA ILE A 78 -21.27 15.16 12.41
C ILE A 78 -20.48 13.93 11.94
N TRP A 79 -19.25 14.15 11.53
CA TRP A 79 -18.42 13.13 10.89
C TRP A 79 -17.18 12.88 11.76
N ASP A 80 -17.09 11.70 12.34
CA ASP A 80 -15.99 11.35 13.23
C ASP A 80 -14.79 10.84 12.42
N VAL A 81 -13.78 10.34 13.12
CA VAL A 81 -12.58 9.82 12.47
C VAL A 81 -12.91 8.60 11.63
N ALA A 82 -13.99 7.89 11.98
CA ALA A 82 -14.34 6.67 11.27
C ALA A 82 -15.17 6.93 10.01
N ASP A 83 -15.50 8.19 9.72
CA ASP A 83 -16.36 8.51 8.58
C ASP A 83 -15.61 9.06 7.38
N TYR A 84 -14.75 10.06 7.58
CA TYR A 84 -14.12 10.74 6.45
C TYR A 84 -12.78 10.14 6.03
N ILE A 85 -12.33 9.07 6.66
CA ILE A 85 -11.14 8.36 6.21
C ILE A 85 -11.58 7.01 5.64
N ILE A 86 -11.83 6.96 4.34
CA ILE A 86 -12.45 5.77 3.75
C ILE A 86 -11.56 4.54 3.88
N PRO A 87 -10.28 4.57 3.52
CA PRO A 87 -9.40 3.47 3.94
C PRO A 87 -8.94 3.70 5.37
N PRO A 88 -9.44 2.90 6.31
CA PRO A 88 -9.27 3.25 7.74
C PRO A 88 -7.83 3.41 8.17
N GLN A 89 -6.94 2.55 7.70
CA GLN A 89 -5.51 2.73 7.98
C GLN A 89 -4.73 1.96 6.92
N GLU A 90 -4.11 2.68 6.00
CA GLU A 90 -3.15 2.13 5.06
C GLU A 90 -1.83 2.87 5.25
N ASP A 91 -0.76 2.11 5.43
CA ASP A 91 0.53 2.73 5.72
C ASP A 91 1.11 3.34 4.46
N GLY A 92 1.51 4.61 4.54
CA GLY A 92 2.11 5.33 3.44
C GLY A 92 1.25 6.44 2.87
N SER A 93 -0.06 6.40 3.06
CA SER A 93 -0.95 7.43 2.51
C SER A 93 -2.27 7.36 3.23
N PHE A 94 -3.06 8.43 3.10
CA PHE A 94 -4.40 8.45 3.67
C PHE A 94 -5.30 9.32 2.81
N PHE A 95 -6.59 9.00 2.84
CA PHE A 95 -7.60 9.66 2.02
C PHE A 95 -8.56 10.40 2.94
N VAL A 96 -8.78 11.69 2.65
CA VAL A 96 -9.64 12.55 3.46
C VAL A 96 -10.82 12.95 2.60
N LEU A 97 -11.99 12.37 2.87
CA LEU A 97 -13.19 12.71 2.11
C LEU A 97 -13.55 14.17 2.33
N THR A 98 -13.93 14.86 1.25
CA THR A 98 -14.32 16.26 1.34
C THR A 98 -15.67 16.55 0.71
N ASN A 99 -16.03 15.87 -0.38
CA ASN A 99 -17.31 16.09 -1.03
C ASN A 99 -17.83 14.75 -1.52
N MET A 100 -19.13 14.66 -1.75
CA MET A 100 -19.71 13.35 -2.02
C MET A 100 -21.05 13.49 -2.73
N ILE A 101 -21.39 12.43 -3.47
CA ILE A 101 -22.71 12.27 -4.08
C ILE A 101 -23.23 10.89 -3.70
N ILE A 102 -24.43 10.85 -3.13
CA ILE A 102 -25.02 9.62 -2.61
C ILE A 102 -26.24 9.27 -3.44
N THR A 103 -26.32 8.00 -3.86
CA THR A 103 -27.52 7.44 -4.45
C THR A 103 -27.98 6.29 -3.59
N THR A 104 -29.17 6.42 -3.01
CA THR A 104 -29.65 5.49 -2.00
C THR A 104 -30.75 4.60 -2.55
N ASN A 105 -30.85 3.40 -1.97
CA ASN A 105 -31.88 2.42 -2.31
C ASN A 105 -31.81 2.05 -3.79
N GLN A 106 -30.69 1.43 -4.16
CA GLN A 106 -30.50 0.94 -5.52
C GLN A 106 -30.77 -0.56 -5.55
N THR A 107 -31.58 -1.00 -6.51
CA THR A 107 -31.94 -2.40 -6.62
C THR A 107 -31.74 -2.87 -8.06
N GLN A 108 -31.44 -4.16 -8.21
CA GLN A 108 -31.27 -4.74 -9.54
C GLN A 108 -32.59 -4.76 -10.27
N SER A 109 -32.61 -4.20 -11.49
CA SER A 109 -33.87 -4.13 -12.23
C SER A 109 -33.60 -3.75 -13.69
N LYS A 110 -34.58 -4.08 -14.53
CA LYS A 110 -34.70 -3.44 -15.83
C LYS A 110 -35.13 -1.99 -15.64
N CYS A 111 -34.60 -1.10 -16.46
CA CYS A 111 -34.55 0.29 -16.03
C CYS A 111 -34.39 1.21 -17.22
N ALA A 112 -34.54 2.51 -16.97
CA ALA A 112 -34.35 3.52 -18.00
C ALA A 112 -32.88 3.91 -18.08
N GLU A 113 -32.57 4.85 -18.96
CA GLU A 113 -31.21 5.28 -19.20
C GLU A 113 -31.11 6.80 -19.13
N ASN A 114 -29.95 7.29 -18.70
CA ASN A 114 -29.71 8.73 -18.68
C ASN A 114 -29.69 9.27 -20.10
N PRO A 115 -30.16 10.50 -20.32
CA PRO A 115 -30.14 11.07 -21.67
C PRO A 115 -28.73 11.14 -22.23
N THR A 116 -28.61 10.80 -23.51
CA THR A 116 -27.33 10.75 -24.21
C THR A 116 -27.61 10.60 -25.71
N PRO A 117 -26.89 11.31 -26.57
CA PRO A 117 -27.16 11.21 -28.02
C PRO A 117 -27.05 9.78 -28.55
N ALA A 118 -26.20 8.95 -27.96
CA ALA A 118 -26.08 7.56 -28.40
C ALA A 118 -27.15 6.66 -27.81
N SER A 119 -27.94 7.14 -26.86
CA SER A 119 -28.95 6.34 -26.19
C SER A 119 -30.38 6.76 -26.52
N THR A 120 -30.56 7.71 -27.43
CA THR A 120 -31.90 8.16 -27.77
C THR A 120 -32.66 7.09 -28.54
N CYS A 121 -33.98 7.05 -28.32
CA CYS A 121 -34.86 6.08 -28.96
C CYS A 121 -35.71 6.77 -30.00
N THR A 122 -35.70 6.23 -31.23
CA THR A 122 -36.67 6.56 -32.25
C THR A 122 -37.57 5.39 -32.61
N SER A 123 -37.10 4.17 -32.40
CA SER A 123 -37.90 2.96 -32.61
C SER A 123 -37.30 1.86 -31.76
N HIS A 124 -38.08 0.79 -31.57
CA HIS A 124 -37.62 -0.33 -30.74
C HIS A 124 -36.44 -1.06 -31.36
N ARG A 125 -36.21 -0.89 -32.66
CA ARG A 125 -35.07 -1.55 -33.32
C ARG A 125 -33.77 -0.79 -33.16
N ASP A 126 -33.79 0.43 -32.61
CA ASP A 126 -32.56 1.18 -32.43
C ASP A 126 -31.66 0.54 -31.38
N CYS A 127 -32.24 0.13 -30.25
CA CYS A 127 -31.46 -0.48 -29.18
C CYS A 127 -31.02 -1.88 -29.60
N LYS A 128 -29.74 -2.17 -29.42
CA LYS A 128 -29.19 -3.47 -29.77
C LYS A 128 -29.21 -4.39 -28.56
N ARG A 129 -29.76 -5.58 -28.73
CA ARG A 129 -29.88 -6.52 -27.62
C ARG A 129 -28.50 -7.00 -27.19
N GLY A 130 -28.18 -6.79 -25.91
CA GLY A 130 -26.94 -7.27 -25.34
C GLY A 130 -25.72 -6.42 -25.62
N PHE A 131 -25.86 -5.31 -26.35
CA PHE A 131 -24.72 -4.46 -26.65
C PHE A 131 -24.26 -3.75 -25.38
N ASN A 132 -22.95 -3.60 -25.24
CA ASN A 132 -22.35 -2.96 -24.08
C ASN A 132 -21.83 -1.59 -24.47
N ASP A 133 -22.25 -0.57 -23.74
CA ASP A 133 -21.92 0.81 -24.08
C ASP A 133 -20.68 1.28 -23.32
N ALA A 134 -20.12 2.39 -23.78
CA ALA A 134 -18.95 2.98 -23.15
C ALA A 134 -19.26 3.70 -21.85
N ARG A 135 -20.52 4.12 -21.65
CA ARG A 135 -20.89 4.77 -20.40
C ARG A 135 -20.77 3.81 -19.22
N GLY A 136 -21.14 2.55 -19.42
CA GLY A 136 -21.03 1.56 -18.37
C GLY A 136 -22.16 1.54 -17.38
N ASP A 137 -23.26 2.25 -17.65
CA ASP A 137 -24.40 2.22 -16.73
C ASP A 137 -25.06 0.85 -16.70
N GLY A 138 -25.17 0.20 -17.85
CA GLY A 138 -25.76 -1.13 -17.89
C GLY A 138 -25.73 -1.69 -19.29
N VAL A 139 -26.23 -2.92 -19.41
CA VAL A 139 -26.30 -3.61 -20.69
C VAL A 139 -27.67 -3.32 -21.31
N ARG A 140 -27.69 -3.16 -22.63
CA ARG A 140 -28.94 -2.80 -23.30
C ARG A 140 -29.83 -4.02 -23.46
N THR A 141 -31.11 -3.75 -23.70
CA THR A 141 -32.11 -4.76 -24.00
C THR A 141 -32.84 -4.38 -25.29
N GLY A 142 -33.79 -5.22 -25.69
CA GLY A 142 -34.52 -5.00 -26.91
C GLY A 142 -35.46 -3.81 -26.87
N ARG A 143 -36.51 -3.91 -26.06
CA ARG A 143 -37.47 -2.82 -25.94
C ARG A 143 -36.87 -1.65 -25.16
N CYS A 144 -37.39 -0.45 -25.42
CA CYS A 144 -36.94 0.74 -24.71
C CYS A 144 -38.15 1.59 -24.33
N VAL A 145 -38.04 2.26 -23.18
CA VAL A 145 -39.12 3.04 -22.61
C VAL A 145 -38.69 4.51 -22.56
N SER A 146 -39.59 5.34 -22.06
CA SER A 146 -39.35 6.78 -22.00
C SER A 146 -38.74 7.16 -20.66
N TYR A 147 -37.54 7.75 -20.69
CA TYR A 147 -36.97 8.30 -19.47
C TYR A 147 -37.82 9.45 -18.93
N SER A 148 -38.32 10.30 -19.82
CA SER A 148 -39.26 11.36 -19.48
C SER A 148 -40.28 11.45 -20.60
N ALA A 149 -41.16 12.45 -20.53
CA ALA A 149 -42.16 12.63 -21.57
C ALA A 149 -41.52 13.06 -22.89
N SER A 150 -40.45 13.86 -22.83
CA SER A 150 -39.87 14.42 -24.04
C SER A 150 -39.11 13.36 -24.83
N VAL A 151 -38.30 12.55 -24.15
CA VAL A 151 -37.37 11.65 -24.82
C VAL A 151 -37.53 10.24 -24.26
N LYS A 152 -37.07 9.26 -25.05
CA LYS A 152 -37.06 7.86 -24.66
C LYS A 152 -35.65 7.31 -24.81
N THR A 153 -35.27 6.41 -23.90
CA THR A 153 -33.94 5.83 -23.90
C THR A 153 -34.04 4.32 -23.69
N CYS A 154 -32.96 3.62 -24.04
CA CYS A 154 -32.96 2.17 -24.00
C CYS A 154 -33.00 1.64 -22.57
N GLU A 155 -33.78 0.58 -22.37
CA GLU A 155 -33.79 -0.11 -21.09
C GLU A 155 -32.45 -0.79 -20.83
N VAL A 156 -32.07 -0.86 -19.55
CA VAL A 156 -30.82 -1.50 -19.16
C VAL A 156 -31.06 -2.32 -17.90
N LEU A 157 -30.27 -3.37 -17.75
CA LEU A 157 -30.18 -4.10 -16.49
C LEU A 157 -29.18 -3.38 -15.59
N SER A 158 -29.63 -2.88 -14.45
CA SER A 158 -28.72 -2.11 -13.61
C SER A 158 -29.30 -1.95 -12.21
N TRP A 159 -28.46 -1.43 -11.32
CA TRP A 159 -28.92 -0.92 -10.04
C TRP A 159 -29.62 0.41 -10.29
N CYS A 160 -30.89 0.50 -9.89
CA CYS A 160 -31.65 1.72 -10.08
C CYS A 160 -32.34 2.15 -8.80
N PRO A 161 -32.59 3.47 -8.64
CA PRO A 161 -32.38 4.56 -9.60
C PRO A 161 -30.89 4.84 -9.88
N LEU A 162 -30.56 5.20 -11.12
CA LEU A 162 -29.16 5.38 -11.48
C LEU A 162 -28.60 6.65 -10.85
N GLU A 163 -27.28 6.76 -10.85
CA GLU A 163 -26.59 7.93 -10.31
C GLU A 163 -26.89 9.12 -11.21
N LYS A 164 -27.46 10.17 -10.63
CA LYS A 164 -27.81 11.36 -11.41
C LYS A 164 -26.53 12.11 -11.80
N ILE A 165 -26.48 12.54 -13.05
CA ILE A 165 -25.34 13.30 -13.55
C ILE A 165 -25.50 14.77 -13.14
N VAL A 166 -24.90 15.13 -12.01
CA VAL A 166 -25.00 16.49 -11.47
C VAL A 166 -23.63 16.91 -10.98
N ASP A 167 -23.44 18.23 -10.87
CA ASP A 167 -22.19 18.76 -10.35
C ASP A 167 -22.10 18.53 -8.85
N PRO A 168 -20.90 18.30 -8.32
CA PRO A 168 -20.76 18.14 -6.88
C PRO A 168 -21.10 19.43 -6.16
N PRO A 169 -21.57 19.34 -4.92
CA PRO A 169 -21.97 20.57 -4.20
C PRO A 169 -20.81 21.52 -4.02
N ASN A 170 -21.12 22.81 -4.10
CA ASN A 170 -20.15 23.89 -3.90
C ASN A 170 -20.76 24.94 -2.99
N PRO A 171 -20.14 25.26 -1.84
CA PRO A 171 -18.87 24.76 -1.30
C PRO A 171 -18.96 23.32 -0.82
N PRO A 172 -17.82 22.63 -0.67
CA PRO A 172 -17.86 21.22 -0.27
C PRO A 172 -18.48 21.03 1.10
N LEU A 173 -19.06 19.84 1.29
CA LEU A 173 -19.73 19.53 2.56
C LEU A 173 -18.75 19.55 3.72
N LEU A 174 -17.55 18.99 3.52
CA LEU A 174 -16.55 18.85 4.57
C LEU A 174 -15.48 19.95 4.49
N ALA A 175 -15.87 21.18 4.20
CA ALA A 175 -14.93 22.29 4.24
C ALA A 175 -14.22 22.38 5.58
N ASP A 176 -14.87 21.95 6.66
CA ASP A 176 -14.23 21.91 7.97
C ASP A 176 -12.99 21.03 7.99
N ALA A 177 -12.85 20.10 7.03
CA ALA A 177 -11.62 19.32 6.92
C ALA A 177 -10.41 20.19 6.61
N GLU A 178 -10.59 21.49 6.45
CA GLU A 178 -9.45 22.40 6.37
C GLU A 178 -8.68 22.44 7.68
N ASN A 179 -9.35 22.16 8.81
CA ASN A 179 -8.77 22.36 10.12
C ASN A 179 -8.32 21.06 10.79
N PHE A 180 -8.29 19.96 10.05
CA PHE A 180 -7.87 18.69 10.64
C PHE A 180 -6.37 18.71 10.91
N THR A 181 -5.93 17.78 11.76
CA THR A 181 -4.51 17.60 12.03
C THR A 181 -4.10 16.18 11.70
N VAL A 182 -2.85 16.00 11.30
CA VAL A 182 -2.30 14.68 10.99
C VAL A 182 -0.95 14.55 11.67
N LEU A 183 -0.78 13.47 12.44
CA LEU A 183 0.48 13.16 13.10
C LEU A 183 1.19 12.08 12.29
N ILE A 184 2.42 12.36 11.88
CA ILE A 184 3.21 11.48 11.02
C ILE A 184 4.41 11.00 11.82
N LYS A 185 4.46 9.70 12.09
CA LYS A 185 5.59 9.07 12.77
C LYS A 185 6.40 8.32 11.71
N ASN A 186 7.69 8.64 11.61
CA ASN A 186 8.57 8.07 10.61
C ASN A 186 9.73 7.37 11.29
N ASN A 187 10.14 6.23 10.74
CA ASN A 187 11.25 5.46 11.29
C ASN A 187 12.09 4.93 10.14
N ILE A 188 13.36 5.32 10.11
CA ILE A 188 14.25 4.95 9.02
C ILE A 188 15.39 4.10 9.54
N ARG A 189 15.96 3.31 8.62
CA ARG A 189 17.12 2.48 8.90
C ARG A 189 18.04 2.48 7.68
N TYR A 190 19.32 2.68 7.95
CA TYR A 190 20.37 2.45 6.96
C TYR A 190 21.01 1.12 7.26
N PRO A 191 20.87 0.11 6.38
CA PRO A 191 21.28 -1.25 6.72
C PRO A 191 22.78 -1.44 6.86
N LYS A 192 23.55 -0.98 5.87
CA LYS A 192 24.99 -1.25 5.86
C LYS A 192 25.67 -0.61 7.05
N PHE A 193 25.29 0.63 7.38
CA PHE A 193 25.89 1.33 8.51
C PHE A 193 25.23 0.97 9.84
N ASN A 194 24.16 0.19 9.83
CA ASN A 194 23.41 -0.18 11.03
C ASN A 194 22.94 1.06 11.77
N PHE A 195 22.14 1.87 11.07
CA PHE A 195 21.63 3.12 11.61
C PHE A 195 20.12 3.03 11.74
N ASN A 196 19.59 3.43 12.89
CA ASN A 196 18.16 3.51 13.13
C ASN A 196 17.83 4.89 13.66
N LYS A 197 16.76 5.49 13.15
CA LYS A 197 16.37 6.82 13.62
C LYS A 197 14.87 7.02 13.49
N ARG A 198 14.35 7.94 14.30
CA ARG A 198 12.96 8.35 14.27
C ARG A 198 12.89 9.86 14.09
N ASN A 199 11.83 10.33 13.44
CA ASN A 199 11.70 11.76 13.18
C ASN A 199 11.30 12.55 14.42
N ILE A 200 10.86 11.87 15.49
CA ILE A 200 10.56 12.52 16.76
C ILE A 200 11.89 12.68 17.51
N LEU A 201 12.42 13.90 17.54
CA LEU A 201 13.71 14.14 18.13
C LEU A 201 13.67 13.90 19.65
N PRO A 202 14.78 13.50 20.26
CA PRO A 202 14.74 13.15 21.67
C PRO A 202 14.77 14.34 22.62
N ASN A 203 14.98 15.55 22.12
CA ASN A 203 14.81 16.74 22.94
C ASN A 203 13.34 17.07 23.17
N ILE A 204 12.44 16.43 22.42
CA ILE A 204 11.01 16.67 22.54
C ILE A 204 10.41 15.69 23.54
N ASN A 205 9.35 16.12 24.22
CA ASN A 205 8.67 15.29 25.20
C ASN A 205 7.18 15.25 24.88
N SER A 206 6.48 14.32 25.54
CA SER A 206 5.07 14.12 25.26
C SER A 206 4.23 15.32 25.69
N SER A 207 4.65 16.03 26.74
CA SER A 207 3.89 17.19 27.19
C SER A 207 3.83 18.26 26.12
N TYR A 208 4.95 18.50 25.42
CA TYR A 208 4.95 19.46 24.32
C TYR A 208 4.15 18.94 23.14
N LEU A 209 4.24 17.65 22.84
CA LEU A 209 3.56 17.08 21.68
C LEU A 209 2.06 16.92 21.89
N THR A 210 1.57 17.00 23.12
CA THR A 210 0.13 16.90 23.35
C THR A 210 -0.61 18.08 22.73
N HIS A 211 -0.08 19.29 22.88
CA HIS A 211 -0.74 20.50 22.40
C HIS A 211 0.11 21.25 21.39
N CYS A 212 0.70 20.53 20.44
CA CYS A 212 1.63 21.10 19.48
C CYS A 212 1.01 21.15 18.09
N VAL A 213 1.56 22.01 17.25
CA VAL A 213 1.19 22.10 15.84
C VAL A 213 2.42 22.53 15.05
N PHE A 214 2.50 22.12 13.79
CA PHE A 214 3.67 22.42 12.98
C PHE A 214 3.59 23.83 12.41
N SER A 215 4.72 24.52 12.40
CA SER A 215 4.84 25.84 11.80
C SER A 215 6.31 26.13 11.59
N ARG A 216 6.67 26.61 10.40
CA ARG A 216 8.08 26.76 10.05
C ARG A 216 8.77 27.78 10.95
N LYS A 217 8.09 28.89 11.26
CA LYS A 217 8.72 29.94 12.05
C LYS A 217 8.81 29.62 13.53
N THR A 218 7.83 28.89 14.07
CA THR A 218 7.72 28.68 15.52
C THR A 218 8.07 27.27 15.96
N ASP A 219 7.45 26.25 15.35
CA ASP A 219 7.61 24.86 15.79
C ASP A 219 8.05 24.02 14.61
N PRO A 220 9.32 24.09 14.23
CA PRO A 220 9.78 23.31 13.06
C PRO A 220 9.95 21.83 13.33
N ASP A 221 10.06 21.42 14.60
CA ASP A 221 10.32 20.03 14.96
C ASP A 221 9.05 19.25 15.25
N CYS A 222 7.89 19.85 15.08
CA CYS A 222 6.62 19.19 15.42
C CYS A 222 6.16 18.34 14.24
N PRO A 223 5.88 17.06 14.43
CA PRO A 223 5.36 16.25 13.32
C PRO A 223 3.88 16.44 13.06
N ILE A 224 3.16 17.14 13.93
CA ILE A 224 1.71 17.28 13.82
C ILE A 224 1.40 18.40 12.84
N PHE A 225 1.11 18.04 11.60
CA PHE A 225 0.78 19.00 10.57
C PHE A 225 -0.71 19.30 10.54
N ARG A 226 -1.07 20.39 9.87
CA ARG A 226 -2.46 20.75 9.62
C ARG A 226 -2.74 20.59 8.13
N LEU A 227 -3.90 20.03 7.80
CA LEU A 227 -4.22 19.80 6.39
C LEU A 227 -4.29 21.10 5.60
N GLY A 228 -4.88 22.13 6.18
CA GLY A 228 -4.89 23.43 5.53
C GLY A 228 -3.49 23.97 5.30
N ASP A 229 -2.62 23.83 6.30
CA ASP A 229 -1.23 24.26 6.15
C ASP A 229 -0.50 23.43 5.10
N ILE A 230 -0.75 22.11 5.09
CA ILE A 230 -0.10 21.24 4.10
C ILE A 230 -0.48 21.68 2.69
N VAL A 231 -1.76 21.97 2.45
CA VAL A 231 -2.18 22.40 1.13
C VAL A 231 -1.66 23.80 0.82
N GLY A 232 -1.65 24.68 1.82
CA GLY A 232 -1.20 26.05 1.58
C GLY A 232 0.27 26.15 1.24
N GLU A 233 1.11 25.33 1.86
CA GLU A 233 2.54 25.36 1.57
C GLU A 233 2.88 24.92 0.16
N ALA A 234 1.92 24.34 -0.57
CA ALA A 234 2.10 23.98 -1.96
C ALA A 234 1.50 25.02 -2.91
N GLU A 235 1.24 26.23 -2.41
CA GLU A 235 0.67 27.31 -3.21
C GLU A 235 -0.69 26.93 -3.80
N GLU A 236 -1.54 26.37 -2.96
CA GLU A 236 -2.88 25.95 -3.36
C GLU A 236 -3.90 26.47 -2.35
N ASP A 237 -5.16 26.43 -2.74
CA ASP A 237 -6.27 26.79 -1.87
C ASP A 237 -7.09 25.54 -1.57
N PHE A 238 -7.30 25.26 -0.28
CA PHE A 238 -8.01 24.05 0.10
C PHE A 238 -9.48 24.12 -0.30
N GLN A 239 -10.12 25.28 -0.10
CA GLN A 239 -11.55 25.37 -0.34
C GLN A 239 -11.90 25.13 -1.81
N ILE A 240 -11.11 25.68 -2.72
CA ILE A 240 -11.39 25.47 -4.14
C ILE A 240 -11.07 24.03 -4.54
N MET A 241 -9.96 23.48 -4.05
CA MET A 241 -9.50 22.19 -4.56
C MET A 241 -10.31 21.03 -3.98
N ALA A 242 -10.93 21.23 -2.82
CA ALA A 242 -11.69 20.17 -2.19
C ALA A 242 -13.00 19.86 -2.91
N VAL A 243 -13.43 20.73 -3.83
CA VAL A 243 -14.68 20.49 -4.56
C VAL A 243 -14.56 19.23 -5.42
N ARG A 244 -13.43 19.08 -6.10
CA ARG A 244 -13.19 17.92 -6.95
C ARG A 244 -12.03 17.05 -6.50
N GLY A 245 -11.30 17.45 -5.47
CA GLY A 245 -10.21 16.65 -4.95
C GLY A 245 -8.89 16.89 -5.66
N GLY A 246 -7.89 16.13 -5.23
CA GLY A 246 -6.56 16.24 -5.78
C GLY A 246 -5.61 15.38 -4.98
N VAL A 247 -4.44 15.15 -5.56
CA VAL A 247 -3.40 14.32 -4.95
C VAL A 247 -2.25 15.21 -4.54
N MET A 248 -1.98 15.28 -3.25
CA MET A 248 -0.80 15.96 -2.70
C MET A 248 0.22 14.94 -2.22
N GLY A 249 1.49 15.20 -2.53
CA GLY A 249 2.57 14.39 -2.00
C GLY A 249 3.35 15.13 -0.92
N VAL A 250 3.48 14.50 0.23
CA VAL A 250 4.30 15.00 1.32
C VAL A 250 5.59 14.18 1.33
N GLN A 251 6.71 14.84 1.07
CA GLN A 251 7.99 14.15 0.94
C GLN A 251 8.91 14.52 2.09
N ILE A 252 9.60 13.51 2.61
CA ILE A 252 10.52 13.65 3.73
C ILE A 252 11.89 13.22 3.26
N ARG A 253 12.88 14.10 3.42
CA ARG A 253 14.25 13.82 2.99
C ARG A 253 15.11 13.54 4.21
N TRP A 254 15.78 12.40 4.21
CA TRP A 254 16.69 11.99 5.27
C TRP A 254 18.10 12.01 4.68
N ASP A 255 18.73 13.18 4.69
CA ASP A 255 20.10 13.34 4.20
C ASP A 255 21.01 13.53 5.40
N CYS A 256 21.64 12.44 5.84
CA CYS A 256 22.43 12.43 7.06
C CYS A 256 23.87 12.08 6.74
N ASP A 257 24.80 12.86 7.28
CA ASP A 257 26.23 12.63 7.14
C ASP A 257 26.67 11.96 8.44
N LEU A 258 27.00 10.67 8.36
CA LEU A 258 27.28 9.90 9.57
C LEU A 258 28.68 10.12 10.12
N ASP A 259 29.56 10.82 9.39
CA ASP A 259 30.84 11.20 9.97
C ASP A 259 30.64 12.13 11.16
N MET A 260 29.76 13.11 11.03
CA MET A 260 29.37 13.96 12.14
C MET A 260 28.37 13.23 13.02
N PRO A 261 28.27 13.62 14.30
CA PRO A 261 27.34 12.95 15.20
C PRO A 261 25.90 12.98 14.69
N GLN A 262 25.05 12.17 15.33
CA GLN A 262 23.68 12.00 14.89
C GLN A 262 22.81 13.23 15.13
N SER A 263 23.33 14.24 15.84
CA SER A 263 22.54 15.44 16.09
C SER A 263 22.23 16.20 14.80
N TRP A 264 23.05 16.03 13.77
CA TRP A 264 22.84 16.70 12.48
C TRP A 264 22.04 15.85 11.50
N CYS A 265 21.59 14.66 11.91
CA CYS A 265 20.72 13.84 11.06
C CYS A 265 19.27 14.19 11.37
N VAL A 266 18.72 15.09 10.56
CA VAL A 266 17.40 15.68 10.78
C VAL A 266 16.63 15.60 9.48
N PRO A 267 15.37 15.16 9.50
CA PRO A 267 14.58 15.12 8.26
C PRO A 267 14.17 16.51 7.80
N ARG A 268 13.89 16.62 6.51
CA ARG A 268 13.42 17.86 5.90
C ARG A 268 12.11 17.61 5.18
N TYR A 269 11.10 18.40 5.50
CA TYR A 269 9.75 18.22 4.98
C TYR A 269 9.49 19.14 3.79
N THR A 270 8.89 18.59 2.75
CA THR A 270 8.45 19.36 1.60
C THR A 270 7.08 18.84 1.16
N PHE A 271 6.28 19.71 0.56
CA PHE A 271 4.95 19.34 0.09
C PHE A 271 4.77 19.85 -1.33
N ARG A 272 4.11 19.03 -2.17
CA ARG A 272 3.85 19.47 -3.53
C ARG A 272 2.59 18.80 -4.05
N ARG A 273 2.07 19.33 -5.16
CA ARG A 273 0.82 18.85 -5.74
C ARG A 273 1.16 17.91 -6.90
N LEU A 274 0.61 16.69 -6.86
CA LEU A 274 1.01 15.67 -7.81
C LEU A 274 0.19 15.69 -9.08
N ASP A 275 -1.12 15.94 -8.96
CA ASP A 275 -2.00 15.88 -10.13
C ASP A 275 -1.85 17.15 -10.96
N ASN A 276 -2.69 17.30 -11.98
CA ASN A 276 -2.58 18.38 -12.96
C ASN A 276 -3.84 19.23 -12.89
N LYS A 277 -3.66 20.54 -12.75
CA LYS A 277 -4.79 21.46 -12.79
C LYS A 277 -5.38 21.58 -14.19
N ASP A 278 -4.53 21.59 -15.20
CA ASP A 278 -4.95 21.93 -16.56
C ASP A 278 -5.94 20.90 -17.09
N PRO A 279 -7.09 21.33 -17.63
CA PRO A 279 -8.12 20.37 -18.04
C PRO A 279 -8.03 19.91 -19.49
N ASP A 280 -7.19 20.52 -20.33
CA ASP A 280 -7.15 20.16 -21.74
C ASP A 280 -6.08 19.13 -22.06
N ASN A 281 -5.42 18.55 -21.05
CA ASN A 281 -4.36 17.58 -21.29
C ASN A 281 -4.65 16.24 -20.63
N ASN A 282 -5.28 16.25 -19.46
CA ASN A 282 -5.49 15.04 -18.68
C ASN A 282 -6.90 14.51 -18.84
N VAL A 283 -7.17 13.39 -18.18
CA VAL A 283 -8.46 12.71 -18.24
C VAL A 283 -9.02 12.66 -16.83
N ALA A 284 -10.31 13.04 -16.70
CA ALA A 284 -11.01 13.07 -15.43
C ALA A 284 -10.24 13.89 -14.40
N PRO A 285 -10.23 15.22 -14.53
CA PRO A 285 -9.48 16.05 -13.58
C PRO A 285 -10.01 15.89 -12.16
N GLY A 286 -9.08 15.99 -11.20
CA GLY A 286 -9.43 15.78 -9.81
C GLY A 286 -9.21 14.35 -9.36
N TYR A 287 -9.69 14.07 -8.16
CA TYR A 287 -9.55 12.77 -7.54
C TYR A 287 -10.88 12.35 -6.91
N ASN A 288 -11.36 11.17 -7.26
CA ASN A 288 -12.59 10.65 -6.70
C ASN A 288 -12.66 9.15 -6.94
N PHE A 289 -13.52 8.49 -6.17
CA PHE A 289 -13.76 7.07 -6.40
C PHE A 289 -15.12 6.69 -5.83
N ARG A 290 -15.61 5.54 -6.27
CA ARG A 290 -16.94 5.06 -5.93
C ARG A 290 -16.85 3.83 -5.04
N PHE A 291 -17.75 3.76 -4.05
CA PHE A 291 -17.87 2.57 -3.24
C PHE A 291 -19.35 2.38 -2.87
N ALA A 292 -19.65 1.27 -2.21
CA ALA A 292 -21.02 0.87 -1.95
C ALA A 292 -21.18 0.36 -0.53
N LYS A 293 -22.38 0.52 0.00
CA LYS A 293 -22.79 -0.09 1.27
C LYS A 293 -24.00 -0.96 1.01
N TYR A 294 -23.88 -2.25 1.33
CA TYR A 294 -24.88 -3.26 0.98
C TYR A 294 -25.82 -3.49 2.16
N TYR A 295 -27.11 -3.40 1.91
CA TYR A 295 -28.14 -3.63 2.91
C TYR A 295 -29.06 -4.75 2.44
N LYS A 296 -29.62 -5.47 3.41
CA LYS A 296 -30.60 -6.52 3.17
C LYS A 296 -31.93 -6.09 3.75
N ASN A 297 -32.97 -6.07 2.91
CA ASN A 297 -34.28 -5.64 3.35
C ASN A 297 -34.96 -6.74 4.17
N SER A 298 -36.13 -6.41 4.70
CA SER A 298 -36.92 -7.40 5.43
C SER A 298 -37.38 -8.53 4.51
N ASP A 299 -37.74 -8.19 3.27
CA ASP A 299 -38.16 -9.20 2.30
C ASP A 299 -37.02 -10.08 1.82
N GLY A 300 -35.77 -9.75 2.16
CA GLY A 300 -34.63 -10.49 1.71
C GLY A 300 -33.96 -9.95 0.45
N THR A 301 -34.58 -9.00 -0.22
CA THR A 301 -33.97 -8.39 -1.39
C THR A 301 -32.76 -7.56 -0.97
N GLU A 302 -31.71 -7.58 -1.79
CA GLU A 302 -30.50 -6.84 -1.48
C GLU A 302 -30.50 -5.49 -2.19
N THR A 303 -30.29 -4.42 -1.43
CA THR A 303 -30.15 -3.08 -1.96
C THR A 303 -28.77 -2.56 -1.64
N ARG A 304 -28.37 -1.48 -2.31
CA ARG A 304 -27.06 -0.89 -2.04
C ARG A 304 -27.15 0.62 -2.14
N THR A 305 -26.35 1.29 -1.32
CA THR A 305 -26.18 2.74 -1.38
C THR A 305 -24.82 3.04 -1.99
N LEU A 306 -24.84 3.76 -3.11
CA LEU A 306 -23.63 4.04 -3.88
C LEU A 306 -23.14 5.44 -3.57
N ILE A 307 -21.92 5.53 -3.06
CA ILE A 307 -21.32 6.81 -2.69
C ILE A 307 -20.16 7.07 -3.63
N LYS A 308 -20.21 8.22 -4.32
CA LYS A 308 -19.11 8.69 -5.14
C LYS A 308 -18.45 9.83 -4.38
N GLY A 309 -17.24 9.58 -3.88
CA GLY A 309 -16.56 10.50 -2.98
C GLY A 309 -15.38 11.17 -3.67
N TYR A 310 -15.36 12.51 -3.58
CA TYR A 310 -14.25 13.33 -4.00
C TYR A 310 -13.45 13.71 -2.75
N GLY A 311 -12.17 13.39 -2.74
CA GLY A 311 -11.37 13.62 -1.55
C GLY A 311 -9.97 14.05 -1.89
N ILE A 312 -9.19 14.28 -0.84
CA ILE A 312 -7.82 14.75 -0.96
C ILE A 312 -6.91 13.61 -0.51
N ARG A 313 -6.12 13.07 -1.43
CA ARG A 313 -5.24 11.95 -1.11
C ARG A 313 -3.83 12.45 -0.88
N PHE A 314 -3.31 12.21 0.32
CA PHE A 314 -1.98 12.65 0.70
C PHE A 314 -1.02 11.47 0.59
N ASP A 315 0.00 11.59 -0.25
CA ASP A 315 1.00 10.56 -0.43
C ASP A 315 2.25 10.93 0.36
N VAL A 316 2.70 10.03 1.23
CA VAL A 316 3.91 10.24 2.01
C VAL A 316 5.05 9.47 1.33
N MET A 317 6.05 10.19 0.85
CA MET A 317 7.19 9.62 0.15
C MET A 317 8.45 9.94 0.91
N VAL A 318 9.21 8.90 1.27
CA VAL A 318 10.43 9.05 2.06
C VAL A 318 11.61 8.59 1.23
N PHE A 319 12.64 9.43 1.15
CA PHE A 319 13.85 9.11 0.40
C PHE A 319 15.04 9.80 1.05
N GLY A 320 16.23 9.30 0.75
CA GLY A 320 17.44 9.87 1.29
C GLY A 320 18.64 9.04 0.91
N GLN A 321 19.80 9.46 1.43
CA GLN A 321 21.05 8.77 1.18
C GLN A 321 22.06 9.22 2.22
N ALA A 322 22.65 8.26 2.93
CA ALA A 322 23.59 8.56 4.00
C ALA A 322 24.96 7.98 3.69
N GLY A 323 26.00 8.71 4.09
CA GLY A 323 27.35 8.33 3.77
C GLY A 323 28.23 8.25 5.00
N LYS A 324 29.30 7.47 4.87
CA LYS A 324 30.29 7.30 5.93
C LYS A 324 31.69 7.28 5.32
N PHE A 325 32.69 7.52 6.16
CA PHE A 325 34.07 7.56 5.70
C PHE A 325 34.54 6.16 5.30
N ASN A 326 35.41 6.11 4.29
CA ASN A 326 35.97 4.86 3.83
C ASN A 326 37.33 5.13 3.19
N ILE A 327 38.31 4.27 3.49
CA ILE A 327 39.69 4.51 3.06
C ILE A 327 39.85 4.21 1.56
N ILE A 328 39.28 3.09 1.09
CA ILE A 328 39.53 2.66 -0.28
C ILE A 328 39.04 3.66 -1.31
N PRO A 329 37.81 4.19 -1.24
CA PRO A 329 37.42 5.23 -2.22
C PRO A 329 38.29 6.47 -2.14
N THR A 330 38.74 6.83 -0.93
CA THR A 330 39.63 7.99 -0.79
C THR A 330 40.93 7.75 -1.54
N LEU A 331 41.54 6.57 -1.35
CA LEU A 331 42.78 6.27 -2.04
C LEU A 331 42.59 6.22 -3.55
N LEU A 332 41.49 5.63 -4.00
CA LEU A 332 41.23 5.54 -5.44
C LEU A 332 41.08 6.93 -6.05
N ASN A 333 40.31 7.80 -5.40
CA ASN A 333 40.12 9.16 -5.90
C ASN A 333 41.43 9.94 -5.88
N ILE A 334 42.23 9.76 -4.83
CA ILE A 334 43.52 10.45 -4.76
C ILE A 334 44.42 10.01 -5.89
N GLY A 335 44.48 8.70 -6.16
CA GLY A 335 45.30 8.20 -7.24
C GLY A 335 44.85 8.73 -8.59
N ALA A 336 43.54 8.74 -8.84
CA ALA A 336 43.04 9.26 -10.11
C ALA A 336 43.34 10.75 -10.26
N GLY A 337 43.21 11.51 -9.17
CA GLY A 337 43.52 12.93 -9.24
C GLY A 337 45.00 13.18 -9.53
N LEU A 338 45.88 12.44 -8.87
CA LEU A 338 47.31 12.56 -9.17
C LEU A 338 47.63 12.13 -10.60
N ALA A 339 46.91 11.14 -11.13
CA ALA A 339 47.09 10.79 -12.54
C ALA A 339 46.68 11.93 -13.46
N LEU A 340 45.54 12.57 -13.16
CA LEU A 340 45.11 13.72 -13.95
C LEU A 340 46.05 14.91 -13.81
N LEU A 341 46.79 14.98 -12.70
CA LEU A 341 47.82 16.01 -12.59
C LEU A 341 48.86 15.90 -13.70
N GLY A 342 49.09 14.68 -14.21
CA GLY A 342 49.97 14.53 -15.36
C GLY A 342 49.45 15.24 -16.59
N LEU A 343 48.15 15.07 -16.88
CA LEU A 343 47.54 15.82 -17.98
C LEU A 343 47.59 17.32 -17.72
N VAL A 344 47.40 17.73 -16.47
CA VAL A 344 47.47 19.15 -16.13
C VAL A 344 48.85 19.70 -16.46
N ASN A 345 49.90 18.98 -16.06
CA ASN A 345 51.26 19.41 -16.35
C ASN A 345 51.54 19.41 -17.85
N VAL A 346 51.06 18.39 -18.57
CA VAL A 346 51.28 18.32 -20.00
C VAL A 346 50.63 19.50 -20.71
N ILE A 347 49.40 19.83 -20.32
CA ILE A 347 48.71 20.98 -20.93
C ILE A 347 49.40 22.27 -20.57
N CYS A 348 49.88 22.41 -19.32
CA CYS A 348 50.59 23.61 -18.92
C CYS A 348 51.90 23.77 -19.66
N ASP A 349 52.52 22.64 -20.07
CA ASP A 349 53.77 22.72 -20.83
C ASP A 349 53.56 23.41 -22.17
N TRP A 350 52.45 23.10 -22.85
CA TRP A 350 52.15 23.73 -24.13
C TRP A 350 51.78 25.20 -23.96
N ILE B 35 53.32 -2.48 -5.99
CA ILE B 35 52.64 -3.40 -5.10
C ILE B 35 51.35 -3.90 -5.75
N ALA B 36 51.50 -4.78 -6.75
CA ALA B 36 50.33 -5.33 -7.42
C ALA B 36 49.50 -6.20 -6.49
N TYR B 37 50.13 -6.83 -5.50
CA TYR B 37 49.39 -7.65 -4.56
C TYR B 37 48.40 -6.82 -3.76
N VAL B 38 48.81 -5.62 -3.34
CA VAL B 38 47.95 -4.78 -2.53
C VAL B 38 46.70 -4.38 -3.31
N ILE B 39 46.89 -3.90 -4.54
CA ILE B 39 45.75 -3.46 -5.34
C ILE B 39 44.88 -4.66 -5.73
N GLY B 40 45.50 -5.82 -5.98
CA GLY B 40 44.72 -7.01 -6.27
C GLY B 40 43.84 -7.41 -5.10
N TYR B 41 44.40 -7.40 -3.90
CA TYR B 41 43.62 -7.73 -2.71
C TYR B 41 42.53 -6.69 -2.46
N VAL B 42 42.83 -5.42 -2.71
CA VAL B 42 41.83 -4.35 -2.54
C VAL B 42 40.66 -4.57 -3.48
N CYS B 43 40.95 -4.87 -4.75
CA CYS B 43 39.88 -5.15 -5.71
C CYS B 43 39.12 -6.41 -5.34
N VAL B 44 39.81 -7.40 -4.75
CA VAL B 44 39.15 -8.64 -4.39
C VAL B 44 38.16 -8.42 -3.25
N TYR B 45 38.57 -7.70 -2.21
CA TYR B 45 37.71 -7.63 -1.02
C TYR B 45 36.75 -6.45 -1.06
N ASN B 46 37.07 -5.38 -1.80
CA ASN B 46 36.22 -4.20 -1.83
C ASN B 46 35.14 -4.29 -2.90
N LYS B 47 35.12 -5.34 -3.71
CA LYS B 47 34.15 -5.50 -4.80
C LYS B 47 34.22 -4.33 -5.77
N GLY B 48 35.44 -3.84 -6.02
CA GLY B 48 35.61 -2.77 -6.98
C GLY B 48 35.31 -3.18 -8.40
N TYR B 49 35.65 -4.42 -8.76
CA TYR B 49 35.38 -4.94 -10.09
C TYR B 49 33.90 -5.20 -10.34
N GLN B 50 33.07 -5.13 -9.30
CA GLN B 50 31.66 -5.47 -9.42
C GLN B 50 30.86 -4.30 -10.00
N ASP B 51 29.81 -4.64 -10.73
CA ASP B 51 28.81 -3.68 -11.19
C ASP B 51 27.48 -4.05 -10.54
N THR B 52 26.88 -3.09 -9.84
CA THR B 52 25.78 -3.37 -8.92
C THR B 52 24.45 -2.84 -9.46
N ASP B 53 23.38 -3.42 -8.92
CA ASP B 53 22.02 -3.05 -9.29
C ASP B 53 21.09 -3.35 -8.12
N THR B 54 19.94 -2.68 -8.11
CA THR B 54 18.98 -2.77 -7.01
C THR B 54 17.95 -3.86 -7.32
N VAL B 55 16.97 -4.02 -6.43
CA VAL B 55 16.03 -5.14 -6.47
C VAL B 55 14.61 -4.61 -6.61
N LEU B 56 13.82 -5.28 -7.45
CA LEU B 56 12.41 -4.97 -7.65
C LEU B 56 11.58 -6.15 -7.15
N SER B 57 10.83 -5.94 -6.08
CA SER B 57 10.28 -7.05 -5.30
C SER B 57 8.75 -7.00 -5.23
N SER B 58 8.18 -8.18 -4.97
CA SER B 58 6.75 -8.35 -4.74
C SER B 58 6.54 -9.35 -3.62
N VAL B 59 5.57 -9.06 -2.75
CA VAL B 59 5.30 -9.87 -1.56
C VAL B 59 3.83 -10.28 -1.54
N THR B 60 3.57 -11.46 -0.99
CA THR B 60 2.19 -11.95 -0.82
C THR B 60 2.12 -12.74 0.47
N THR B 61 1.22 -12.36 1.37
CA THR B 61 1.14 -12.96 2.69
C THR B 61 -0.25 -13.55 2.92
N LYS B 62 -0.28 -14.77 3.44
CA LYS B 62 -1.53 -15.43 3.83
C LYS B 62 -1.46 -15.84 5.28
N VAL B 63 -2.45 -15.45 6.07
CA VAL B 63 -2.50 -15.75 7.49
C VAL B 63 -3.51 -16.87 7.73
N LYS B 64 -3.10 -17.89 8.48
CA LYS B 64 -3.92 -19.05 8.78
C LYS B 64 -3.97 -19.25 10.29
N GLY B 65 -5.17 -19.46 10.81
CA GLY B 65 -5.35 -19.71 12.22
C GLY B 65 -6.80 -19.52 12.60
N ILE B 66 -7.10 -19.89 13.85
CA ILE B 66 -8.44 -19.72 14.42
C ILE B 66 -8.26 -19.38 15.89
N ALA B 67 -9.29 -18.75 16.47
CA ALA B 67 -9.19 -18.33 17.86
C ALA B 67 -10.58 -18.29 18.47
N LEU B 68 -10.62 -18.48 19.80
CA LEU B 68 -11.86 -18.47 20.55
C LEU B 68 -11.78 -17.45 21.67
N THR B 69 -12.91 -16.78 21.91
CA THR B 69 -13.02 -15.80 22.98
C THR B 69 -14.22 -16.14 23.84
N ASN B 70 -14.11 -15.82 25.13
CA ASN B 70 -15.15 -16.16 26.12
C ASN B 70 -15.33 -14.97 27.05
N THR B 71 -16.31 -14.12 26.74
CA THR B 71 -16.60 -12.94 27.53
C THR B 71 -18.08 -12.88 27.86
N SER B 72 -18.44 -11.95 28.75
CA SER B 72 -19.84 -11.79 29.11
C SER B 72 -20.64 -11.11 28.02
N GLU B 73 -20.07 -10.07 27.40
CA GLU B 73 -20.80 -9.34 26.36
C GLU B 73 -20.96 -10.16 25.09
N LEU B 74 -19.87 -10.78 24.64
CA LEU B 74 -19.89 -11.54 23.39
C LEU B 74 -20.15 -13.03 23.60
N GLY B 75 -20.31 -13.47 24.85
CA GLY B 75 -20.56 -14.88 25.09
C GLY B 75 -19.38 -15.73 24.66
N GLU B 76 -19.67 -16.81 23.94
CA GLU B 76 -18.66 -17.67 23.35
C GLU B 76 -18.56 -17.35 21.86
N ARG B 77 -17.36 -17.00 21.39
CA ARG B 77 -17.20 -16.53 20.03
C ARG B 77 -15.97 -17.18 19.40
N ILE B 78 -16.00 -17.29 18.08
CA ILE B 78 -14.87 -17.81 17.31
C ILE B 78 -14.56 -16.82 16.19
N TRP B 79 -13.27 -16.64 15.91
CA TRP B 79 -12.80 -15.63 14.96
C TRP B 79 -12.06 -16.31 13.83
N ASP B 80 -12.62 -16.22 12.62
CA ASP B 80 -12.05 -16.87 11.44
C ASP B 80 -11.04 -15.96 10.77
N VAL B 81 -10.57 -16.38 9.59
CA VAL B 81 -9.59 -15.59 8.85
C VAL B 81 -10.19 -14.27 8.39
N ALA B 82 -11.51 -14.22 8.25
CA ALA B 82 -12.19 -13.02 7.76
C ALA B 82 -12.51 -12.03 8.87
N ASP B 83 -12.17 -12.33 10.12
CA ASP B 83 -12.52 -11.47 11.24
C ASP B 83 -11.35 -10.66 11.77
N TYR B 84 -10.20 -11.28 12.01
CA TYR B 84 -9.09 -10.59 12.67
C TYR B 84 -8.10 -9.95 11.70
N ILE B 85 -8.36 -10.01 10.39
CA ILE B 85 -7.54 -9.27 9.44
C ILE B 85 -8.38 -8.15 8.86
N ILE B 86 -8.30 -6.97 9.48
CA ILE B 86 -9.20 -5.87 9.10
C ILE B 86 -8.97 -5.39 7.67
N PRO B 87 -7.74 -5.13 7.23
CA PRO B 87 -7.51 -4.96 5.79
C PRO B 87 -7.46 -6.33 5.12
N PRO B 88 -8.49 -6.70 4.35
CA PRO B 88 -8.63 -8.10 3.94
C PRO B 88 -7.43 -8.65 3.19
N GLN B 89 -6.83 -7.86 2.30
CA GLN B 89 -5.58 -8.24 1.68
C GLN B 89 -4.95 -6.99 1.10
N GLU B 90 -3.83 -6.56 1.69
CA GLU B 90 -3.01 -5.49 1.15
C GLU B 90 -1.60 -6.02 0.98
N ASP B 91 -1.02 -5.82 -0.20
CA ASP B 91 0.29 -6.38 -0.49
C ASP B 91 1.38 -5.55 0.18
N GLY B 92 2.23 -6.23 0.96
CA GLY B 92 3.32 -5.59 1.66
C GLY B 92 3.20 -5.57 3.17
N SER B 93 2.00 -5.72 3.72
CA SER B 93 1.80 -5.69 5.15
C SER B 93 0.46 -6.31 5.47
N PHE B 94 0.26 -6.65 6.74
CA PHE B 94 -1.03 -7.16 7.19
C PHE B 94 -1.23 -6.81 8.66
N PHE B 95 -2.48 -6.63 9.04
CA PHE B 95 -2.86 -6.23 10.38
C PHE B 95 -3.59 -7.38 11.06
N VAL B 96 -3.12 -7.77 12.24
CA VAL B 96 -3.69 -8.87 13.00
C VAL B 96 -4.31 -8.29 14.25
N LEU B 97 -5.64 -8.25 14.30
CA LEU B 97 -6.34 -7.73 15.46
C LEU B 97 -6.03 -8.58 16.69
N THR B 98 -5.84 -7.92 17.83
CA THR B 98 -5.56 -8.63 19.08
C THR B 98 -6.46 -8.21 20.22
N ASN B 99 -6.88 -6.95 20.28
CA ASN B 99 -7.75 -6.47 21.34
C ASN B 99 -8.69 -5.43 20.76
N MET B 100 -9.80 -5.19 21.44
CA MET B 100 -10.82 -4.32 20.85
C MET B 100 -11.72 -3.73 21.91
N ILE B 101 -12.32 -2.59 21.56
CA ILE B 101 -13.40 -1.97 22.33
C ILE B 101 -14.54 -1.67 21.38
N ILE B 102 -15.73 -2.16 21.72
CA ILE B 102 -16.91 -2.02 20.86
C ILE B 102 -17.89 -1.08 21.53
N THR B 103 -18.37 -0.09 20.77
CA THR B 103 -19.53 0.70 21.16
C THR B 103 -20.63 0.41 20.16
N THR B 104 -21.73 -0.16 20.64
CA THR B 104 -22.77 -0.68 19.77
C THR B 104 -24.01 0.21 19.84
N ASN B 105 -24.76 0.23 18.73
CA ASN B 105 -26.02 0.97 18.62
C ASN B 105 -25.78 2.47 18.88
N GLN B 106 -25.01 3.08 18.00
CA GLN B 106 -24.75 4.52 18.09
C GLN B 106 -25.68 5.26 17.15
N THR B 107 -26.49 6.16 17.71
CA THR B 107 -27.44 6.94 16.94
C THR B 107 -27.05 8.41 17.02
N GLN B 108 -27.22 9.13 15.91
CA GLN B 108 -26.82 10.53 15.83
C GLN B 108 -27.86 11.41 16.51
N SER B 109 -27.44 12.16 17.53
CA SER B 109 -28.38 12.97 18.30
C SER B 109 -27.62 13.95 19.18
N LYS B 110 -28.39 14.86 19.80
CA LYS B 110 -27.88 15.69 20.89
C LYS B 110 -27.65 14.82 22.11
N CYS B 111 -26.66 15.20 22.93
CA CYS B 111 -26.08 14.19 23.79
C CYS B 111 -25.29 14.85 24.90
N ALA B 112 -24.92 14.04 25.90
CA ALA B 112 -24.07 14.50 27.00
C ALA B 112 -22.61 14.37 26.59
N GLU B 113 -21.72 14.71 27.53
CA GLU B 113 -20.28 14.72 27.28
C GLU B 113 -19.56 13.94 28.37
N ASN B 114 -18.43 13.33 28.00
CA ASN B 114 -17.61 12.63 28.97
C ASN B 114 -17.03 13.64 29.96
N PRO B 115 -16.84 13.24 31.22
CA PRO B 115 -16.25 14.16 32.21
C PRO B 115 -14.87 14.63 31.78
N THR B 116 -14.63 15.93 31.95
CA THR B 116 -13.40 16.60 31.56
C THR B 116 -13.37 17.97 32.20
N PRO B 117 -12.23 18.40 32.76
CA PRO B 117 -12.20 19.73 33.40
C PRO B 117 -12.53 20.87 32.46
N ALA B 118 -12.27 20.72 31.16
CA ALA B 118 -12.62 21.76 30.20
C ALA B 118 -14.09 21.71 29.78
N SER B 119 -14.82 20.66 30.17
CA SER B 119 -16.21 20.49 29.77
C SER B 119 -17.19 20.58 30.93
N THR B 120 -16.72 20.94 32.13
CA THR B 120 -17.60 21.01 33.28
C THR B 120 -18.55 22.20 33.16
N CYS B 121 -19.74 22.05 33.74
CA CYS B 121 -20.78 23.07 33.69
C CYS B 121 -20.97 23.70 35.07
N THR B 122 -20.94 25.03 35.11
CA THR B 122 -21.42 25.79 36.26
C THR B 122 -22.63 26.64 35.93
N SER B 123 -22.81 27.01 34.66
CA SER B 123 -23.98 27.74 34.20
C SER B 123 -24.14 27.49 32.70
N HIS B 124 -25.32 27.81 32.19
CA HIS B 124 -25.59 27.59 30.77
C HIS B 124 -24.74 28.45 29.86
N ARG B 125 -24.16 29.53 30.39
CA ARG B 125 -23.32 30.42 29.59
C ARG B 125 -21.88 29.93 29.47
N ASP B 126 -21.51 28.87 30.20
CA ASP B 126 -20.14 28.37 30.12
C ASP B 126 -19.86 27.74 28.77
N CYS B 127 -20.76 26.88 28.29
CA CYS B 127 -20.58 26.22 27.00
C CYS B 127 -20.73 27.23 25.87
N LYS B 128 -19.79 27.23 24.94
CA LYS B 128 -19.81 28.15 23.81
C LYS B 128 -20.52 27.50 22.63
N ARG B 129 -21.48 28.22 22.06
CA ARG B 129 -22.27 27.68 20.95
C ARG B 129 -21.40 27.52 19.71
N GLY B 130 -21.35 26.29 19.19
CA GLY B 130 -20.61 26.00 17.98
C GLY B 130 -19.12 25.83 18.16
N PHE B 131 -18.60 25.97 19.37
CA PHE B 131 -17.18 25.82 19.61
C PHE B 131 -16.74 24.38 19.42
N ASN B 132 -15.59 24.19 18.80
CA ASN B 132 -15.05 22.87 18.51
C ASN B 132 -13.90 22.58 19.45
N ASP B 133 -13.99 21.47 20.18
CA ASP B 133 -13.03 21.13 21.21
C ASP B 133 -11.94 20.21 20.67
N ALA B 134 -10.86 20.09 21.45
CA ALA B 134 -9.74 19.24 21.07
C ALA B 134 -10.02 17.76 21.29
N ARG B 135 -10.99 17.41 22.13
CA ARG B 135 -11.32 16.00 22.33
C ARG B 135 -11.89 15.38 21.06
N GLY B 136 -12.70 16.14 20.32
CA GLY B 136 -13.27 15.66 19.08
C GLY B 136 -14.50 14.79 19.23
N ASP B 137 -15.09 14.71 20.43
CA ASP B 137 -16.30 13.92 20.59
C ASP B 137 -17.48 14.53 19.85
N GLY B 138 -17.59 15.85 19.86
CA GLY B 138 -18.68 16.51 19.16
C GLY B 138 -18.54 18.02 19.25
N VAL B 139 -19.48 18.69 18.61
CA VAL B 139 -19.56 20.16 18.62
C VAL B 139 -20.47 20.59 19.75
N ARG B 140 -20.10 21.66 20.43
CA ARG B 140 -20.87 22.10 21.59
C ARG B 140 -22.15 22.82 21.15
N THR B 141 -23.10 22.90 22.06
CA THR B 141 -24.33 23.66 21.88
C THR B 141 -24.51 24.63 23.04
N GLY B 142 -25.61 25.38 23.01
CA GLY B 142 -25.88 26.37 24.03
C GLY B 142 -26.13 25.77 25.40
N ARG B 143 -27.25 25.06 25.55
CA ARG B 143 -27.58 24.45 26.82
C ARG B 143 -26.68 23.26 27.10
N CYS B 144 -26.54 22.92 28.38
CA CYS B 144 -25.76 21.77 28.79
C CYS B 144 -26.52 20.98 29.85
N VAL B 145 -26.24 19.68 29.92
CA VAL B 145 -27.07 18.75 30.69
C VAL B 145 -26.17 17.95 31.63
N SER B 146 -26.82 17.34 32.62
CA SER B 146 -26.09 16.58 33.63
C SER B 146 -25.72 15.21 33.08
N TYR B 147 -24.41 14.96 32.93
CA TYR B 147 -23.95 13.62 32.57
C TYR B 147 -24.31 12.62 33.66
N SER B 148 -24.15 13.00 34.92
CA SER B 148 -24.61 12.22 36.06
C SER B 148 -25.19 13.20 37.09
N ALA B 149 -25.54 12.67 38.26
CA ALA B 149 -26.08 13.54 39.31
C ALA B 149 -25.03 14.49 39.85
N SER B 150 -23.77 14.06 39.90
CA SER B 150 -22.72 14.88 40.52
C SER B 150 -22.33 16.04 39.63
N VAL B 151 -22.16 15.80 38.33
CA VAL B 151 -21.56 16.78 37.43
C VAL B 151 -22.42 16.95 36.19
N LYS B 152 -22.27 18.10 35.52
CA LYS B 152 -22.97 18.41 34.29
C LYS B 152 -21.94 18.84 33.24
N THR B 153 -22.22 18.49 31.98
CA THR B 153 -21.31 18.79 30.87
C THR B 153 -22.12 19.30 29.68
N CYS B 154 -21.38 19.85 28.71
CA CYS B 154 -21.99 20.46 27.54
C CYS B 154 -22.69 19.43 26.67
N GLU B 155 -23.86 19.81 26.14
CA GLU B 155 -24.53 19.00 25.14
C GLU B 155 -23.81 19.09 23.81
N VAL B 156 -23.66 17.95 23.14
CA VAL B 156 -22.97 17.90 21.85
C VAL B 156 -23.79 17.07 20.87
N LEU B 157 -23.61 17.36 19.59
CA LEU B 157 -24.19 16.54 18.54
C LEU B 157 -23.21 15.44 18.18
N SER B 158 -23.61 14.18 18.35
CA SER B 158 -22.68 13.09 18.09
C SER B 158 -23.44 11.78 18.03
N TRP B 159 -22.69 10.72 17.72
CA TRP B 159 -23.20 9.36 17.85
C TRP B 159 -23.19 8.98 19.32
N CYS B 160 -24.31 8.49 19.82
CA CYS B 160 -24.41 8.10 21.22
C CYS B 160 -25.05 6.73 21.39
N PRO B 161 -24.69 6.00 22.45
CA PRO B 161 -23.79 6.39 23.55
C PRO B 161 -22.34 6.57 23.12
N LEU B 162 -21.63 7.54 23.69
CA LEU B 162 -20.26 7.80 23.27
C LEU B 162 -19.35 6.66 23.71
N GLU B 163 -18.18 6.58 23.07
CA GLU B 163 -17.19 5.57 23.40
C GLU B 163 -16.71 5.78 24.82
N LYS B 164 -16.96 4.80 25.69
CA LYS B 164 -16.55 4.92 27.08
C LYS B 164 -15.04 4.90 27.20
N ILE B 165 -14.50 5.81 28.01
CA ILE B 165 -13.06 5.92 28.18
C ILE B 165 -12.60 4.91 29.22
N VAL B 166 -12.13 3.76 28.75
CA VAL B 166 -11.69 2.67 29.61
C VAL B 166 -10.48 2.01 28.97
N ASP B 167 -9.63 1.40 29.79
CA ASP B 167 -8.47 0.70 29.28
C ASP B 167 -8.89 -0.58 28.54
N PRO B 168 -8.09 -1.04 27.58
CA PRO B 168 -8.43 -2.27 26.90
C PRO B 168 -8.34 -3.45 27.83
N PRO B 169 -9.09 -4.53 27.55
CA PRO B 169 -9.05 -5.70 28.44
C PRO B 169 -7.67 -6.31 28.52
N ASN B 170 -7.35 -6.82 29.71
CA ASN B 170 -6.08 -7.49 29.96
C ASN B 170 -6.38 -8.77 30.73
N PRO B 171 -5.99 -9.95 30.22
CA PRO B 171 -5.24 -10.23 28.99
C PRO B 171 -6.07 -9.98 27.74
N PRO B 172 -5.43 -9.82 26.58
CA PRO B 172 -6.19 -9.50 25.36
C PRO B 172 -7.15 -10.61 24.99
N LEU B 173 -8.25 -10.22 24.32
CA LEU B 173 -9.24 -11.19 23.89
C LEU B 173 -8.65 -12.20 22.92
N LEU B 174 -7.84 -11.72 21.97
CA LEU B 174 -7.33 -12.54 20.87
C LEU B 174 -5.91 -13.01 21.13
N ALA B 175 -5.60 -13.36 22.38
CA ALA B 175 -4.26 -13.87 22.70
C ALA B 175 -3.91 -15.12 21.91
N ASP B 176 -4.91 -15.90 21.48
CA ASP B 176 -4.67 -17.07 20.65
C ASP B 176 -3.98 -16.71 19.34
N ALA B 177 -4.04 -15.46 18.90
CA ALA B 177 -3.30 -15.01 17.74
C ALA B 177 -1.80 -15.13 17.92
N GLU B 178 -1.33 -15.58 19.09
CA GLU B 178 0.07 -15.91 19.24
C GLU B 178 0.45 -17.13 18.41
N ASN B 179 -0.51 -18.01 18.15
CA ASN B 179 -0.23 -19.29 17.50
C ASN B 179 -0.57 -19.30 16.01
N PHE B 180 -0.86 -18.15 15.42
CA PHE B 180 -1.20 -18.11 14.00
C PHE B 180 0.04 -18.39 13.16
N THR B 181 -0.18 -18.67 11.88
CA THR B 181 0.91 -18.84 10.93
C THR B 181 0.73 -17.89 9.76
N VAL B 182 1.83 -17.47 9.16
CA VAL B 182 1.81 -16.58 8.01
C VAL B 182 2.76 -17.13 6.96
N LEU B 183 2.24 -17.33 5.74
CA LEU B 183 3.04 -17.76 4.61
C LEU B 183 3.39 -16.53 3.78
N ILE B 184 4.68 -16.29 3.58
CA ILE B 184 5.19 -15.13 2.86
C ILE B 184 5.84 -15.63 1.58
N LYS B 185 5.26 -15.26 0.44
CA LYS B 185 5.79 -15.60 -0.87
C LYS B 185 6.39 -14.34 -1.48
N ASN B 186 7.69 -14.40 -1.82
CA ASN B 186 8.43 -13.26 -2.32
C ASN B 186 8.92 -13.54 -3.72
N ASN B 187 9.01 -12.48 -4.53
CA ASN B 187 9.47 -12.61 -5.91
C ASN B 187 10.25 -11.36 -6.27
N ILE B 188 11.53 -11.53 -6.62
CA ILE B 188 12.40 -10.40 -6.91
C ILE B 188 12.88 -10.48 -8.36
N ARG B 189 13.22 -9.32 -8.90
CA ARG B 189 13.80 -9.19 -10.22
C ARG B 189 14.89 -8.12 -10.19
N TYR B 190 16.03 -8.43 -10.78
CA TYR B 190 17.07 -7.47 -11.08
C TYR B 190 16.96 -7.09 -12.55
N PRO B 191 16.60 -5.85 -12.87
CA PRO B 191 16.29 -5.51 -14.28
C PRO B 191 17.48 -5.55 -15.22
N LYS B 192 18.57 -4.87 -14.84
CA LYS B 192 19.71 -4.76 -15.74
C LYS B 192 20.32 -6.12 -16.06
N PHE B 193 20.46 -6.97 -15.05
CA PHE B 193 21.02 -8.30 -15.25
C PHE B 193 20.00 -9.31 -15.73
N ASN B 194 18.72 -8.94 -15.78
CA ASN B 194 17.64 -9.84 -16.18
C ASN B 194 17.61 -11.07 -15.29
N PHE B 195 17.40 -10.84 -14.00
CA PHE B 195 17.38 -11.90 -13.01
C PHE B 195 15.99 -11.98 -12.38
N ASN B 196 15.45 -13.19 -12.26
CA ASN B 196 14.19 -13.43 -11.59
C ASN B 196 14.38 -14.53 -10.56
N LYS B 197 13.80 -14.36 -9.37
CA LYS B 197 13.93 -15.38 -8.34
C LYS B 197 12.76 -15.31 -7.38
N ARG B 198 12.53 -16.43 -6.68
CA ARG B 198 11.53 -16.53 -5.64
C ARG B 198 12.18 -17.06 -4.37
N ASN B 199 11.58 -16.77 -3.22
CA ASN B 199 12.15 -17.22 -1.95
C ASN B 199 11.84 -18.69 -1.68
N ILE B 200 10.95 -19.31 -2.45
CA ILE B 200 10.68 -20.73 -2.32
C ILE B 200 11.71 -21.46 -3.18
N LEU B 201 12.70 -22.08 -2.53
CA LEU B 201 13.80 -22.69 -3.25
C LEU B 201 13.32 -23.91 -4.05
N PRO B 202 13.95 -24.18 -5.20
CA PRO B 202 13.51 -25.31 -6.02
C PRO B 202 13.66 -26.66 -5.35
N ASN B 203 14.58 -26.80 -4.39
CA ASN B 203 14.76 -28.07 -3.69
C ASN B 203 13.56 -28.42 -2.82
N ILE B 204 12.70 -27.46 -2.52
CA ILE B 204 11.53 -27.70 -1.68
C ILE B 204 10.36 -28.14 -2.54
N ASN B 205 9.50 -28.98 -1.97
CA ASN B 205 8.32 -29.48 -2.66
C ASN B 205 7.07 -29.19 -1.84
N SER B 206 5.91 -29.35 -2.47
CA SER B 206 4.65 -29.01 -1.83
C SER B 206 4.33 -29.94 -0.67
N SER B 207 4.77 -31.20 -0.74
CA SER B 207 4.51 -32.13 0.35
C SER B 207 5.17 -31.67 1.64
N TYR B 208 6.41 -31.16 1.54
CA TYR B 208 7.08 -30.63 2.73
C TYR B 208 6.43 -29.33 3.19
N LEU B 209 6.01 -28.48 2.25
CA LEU B 209 5.43 -27.18 2.59
C LEU B 209 4.02 -27.29 3.14
N THR B 210 3.34 -28.43 2.98
CA THR B 210 2.00 -28.59 3.53
C THR B 210 2.02 -28.56 5.06
N HIS B 211 2.96 -29.27 5.66
CA HIS B 211 3.02 -29.40 7.12
C HIS B 211 4.33 -28.85 7.67
N CYS B 212 4.74 -27.68 7.21
CA CYS B 212 6.02 -27.10 7.56
C CYS B 212 5.83 -25.89 8.47
N VAL B 213 6.88 -25.54 9.21
CA VAL B 213 6.92 -24.33 10.01
C VAL B 213 8.37 -23.85 10.07
N PHE B 214 8.55 -22.54 10.18
CA PHE B 214 9.89 -21.97 10.17
C PHE B 214 10.56 -22.13 11.53
N SER B 215 11.86 -22.43 11.49
CA SER B 215 12.67 -22.53 12.70
C SER B 215 14.13 -22.43 12.29
N ARG B 216 14.91 -21.60 12.98
CA ARG B 216 16.28 -21.35 12.58
C ARG B 216 17.12 -22.61 12.61
N LYS B 217 16.96 -23.43 13.65
CA LYS B 217 17.80 -24.61 13.82
C LYS B 217 17.41 -25.76 12.90
N THR B 218 16.12 -25.94 12.65
CA THR B 218 15.63 -27.14 11.98
C THR B 218 15.16 -26.90 10.55
N ASP B 219 14.31 -25.89 10.33
CA ASP B 219 13.73 -25.62 9.00
C ASP B 219 14.03 -24.19 8.60
N PRO B 220 15.26 -23.92 8.13
CA PRO B 220 15.61 -22.53 7.78
C PRO B 220 15.04 -22.06 6.45
N ASP B 221 14.64 -22.97 5.57
CA ASP B 221 14.17 -22.63 4.24
C ASP B 221 12.65 -22.52 4.15
N CYS B 222 11.95 -22.66 5.26
CA CYS B 222 10.49 -22.65 5.25
C CYS B 222 9.99 -21.22 5.31
N PRO B 223 9.13 -20.78 4.39
CA PRO B 223 8.60 -19.42 4.47
C PRO B 223 7.45 -19.27 5.46
N ILE B 224 6.90 -20.36 5.97
CA ILE B 224 5.72 -20.31 6.85
C ILE B 224 6.18 -19.97 8.26
N PHE B 225 6.09 -18.70 8.64
CA PHE B 225 6.48 -18.25 9.96
C PHE B 225 5.32 -18.36 10.94
N ARG B 226 5.64 -18.29 12.23
CA ARG B 226 4.67 -18.21 13.30
C ARG B 226 4.71 -16.83 13.90
N LEU B 227 3.53 -16.26 14.17
CA LEU B 227 3.48 -14.89 14.70
C LEU B 227 4.18 -14.79 16.05
N GLY B 228 3.97 -15.78 16.91
CA GLY B 228 4.67 -15.80 18.19
C GLY B 228 6.18 -15.85 18.02
N ASP B 229 6.66 -16.67 17.08
CA ASP B 229 8.09 -16.74 16.80
C ASP B 229 8.60 -15.42 16.24
N ILE B 230 7.83 -14.80 15.34
CA ILE B 230 8.25 -13.53 14.75
C ILE B 230 8.43 -12.48 15.82
N VAL B 231 7.47 -12.39 16.75
CA VAL B 231 7.57 -11.40 17.83
C VAL B 231 8.69 -11.78 18.80
N GLY B 232 8.85 -13.07 19.09
CA GLY B 232 9.84 -13.48 20.06
C GLY B 232 11.27 -13.25 19.61
N GLU B 233 11.55 -13.49 18.32
CA GLU B 233 12.90 -13.30 17.82
C GLU B 233 13.31 -11.83 17.76
N ALA B 234 12.38 -10.90 17.98
CA ALA B 234 12.69 -9.49 18.12
C ALA B 234 12.85 -9.08 19.58
N GLU B 235 13.09 -10.06 20.47
CA GLU B 235 13.28 -9.82 21.90
C GLU B 235 12.06 -9.14 22.52
N GLU B 236 10.87 -9.60 22.13
CA GLU B 236 9.62 -9.10 22.68
C GLU B 236 8.74 -10.26 23.11
N ASP B 237 7.75 -9.95 23.94
CA ASP B 237 6.75 -10.92 24.37
C ASP B 237 5.41 -10.57 23.74
N PHE B 238 4.78 -11.56 23.11
CA PHE B 238 3.54 -11.30 22.38
C PHE B 238 2.39 -10.94 23.32
N GLN B 239 2.32 -11.61 24.48
CA GLN B 239 1.16 -11.45 25.35
C GLN B 239 1.06 -10.03 25.89
N ILE B 240 2.19 -9.42 26.26
CA ILE B 240 2.14 -8.06 26.78
C ILE B 240 2.00 -7.04 25.65
N MET B 241 2.57 -7.34 24.48
CA MET B 241 2.52 -6.41 23.36
C MET B 241 1.12 -6.34 22.74
N ALA B 242 0.38 -7.44 22.72
CA ALA B 242 -0.93 -7.48 22.10
C ALA B 242 -1.97 -6.64 22.83
N VAL B 243 -1.71 -6.25 24.09
CA VAL B 243 -2.69 -5.48 24.84
C VAL B 243 -2.93 -4.12 24.18
N ARG B 244 -1.86 -3.46 23.74
CA ARG B 244 -1.97 -2.16 23.08
C ARG B 244 -1.45 -2.18 21.66
N GLY B 245 -0.89 -3.28 21.19
CA GLY B 245 -0.42 -3.39 19.82
C GLY B 245 0.98 -2.84 19.63
N GLY B 246 1.41 -2.86 18.37
CA GLY B 246 2.73 -2.38 18.01
C GLY B 246 3.00 -2.70 16.55
N VAL B 247 3.98 -1.99 16.00
CA VAL B 247 4.36 -2.15 14.60
C VAL B 247 5.62 -2.99 14.56
N MET B 248 5.54 -4.15 13.91
CA MET B 248 6.66 -5.06 13.74
C MET B 248 7.09 -5.06 12.29
N GLY B 249 8.40 -5.02 12.05
CA GLY B 249 8.92 -5.04 10.70
C GLY B 249 9.66 -6.31 10.37
N VAL B 250 9.18 -7.04 9.36
CA VAL B 250 9.84 -8.23 8.85
C VAL B 250 10.60 -7.81 7.59
N GLN B 251 11.91 -7.96 7.61
CA GLN B 251 12.77 -7.48 6.54
C GLN B 251 13.52 -8.64 5.90
N ILE B 252 13.56 -8.65 4.58
CA ILE B 252 14.17 -9.72 3.79
C ILE B 252 15.29 -9.09 2.97
N ARG B 253 16.48 -9.66 3.05
CA ARG B 253 17.64 -9.16 2.34
C ARG B 253 18.01 -10.11 1.22
N TRP B 254 18.11 -9.58 0.00
CA TRP B 254 18.47 -10.34 -1.19
C TRP B 254 19.85 -9.86 -1.63
N ASP B 255 20.89 -10.44 -1.06
CA ASP B 255 22.27 -10.10 -1.40
C ASP B 255 22.85 -11.25 -2.20
N CYS B 256 22.84 -11.12 -3.53
CA CYS B 256 23.22 -12.20 -4.43
C CYS B 256 24.38 -11.76 -5.28
N ASP B 257 25.41 -12.60 -5.36
CA ASP B 257 26.57 -12.37 -6.22
C ASP B 257 26.37 -13.22 -7.46
N LEU B 258 26.12 -12.58 -8.59
CA LEU B 258 25.76 -13.30 -9.81
C LEU B 258 26.94 -13.92 -10.52
N ASP B 259 28.18 -13.59 -10.13
CA ASP B 259 29.33 -14.30 -10.68
C ASP B 259 29.29 -15.77 -10.30
N MET B 260 28.99 -16.07 -9.05
CA MET B 260 28.77 -17.44 -8.61
C MET B 260 27.39 -17.91 -9.05
N PRO B 261 27.18 -19.23 -9.13
CA PRO B 261 25.88 -19.74 -9.57
C PRO B 261 24.74 -19.26 -8.68
N GLN B 262 23.52 -19.44 -9.19
CA GLN B 262 22.33 -18.94 -8.51
C GLN B 262 22.02 -19.71 -7.24
N SER B 263 22.70 -20.83 -6.97
CA SER B 263 22.45 -21.58 -5.75
C SER B 263 22.83 -20.80 -4.50
N TRP B 264 23.71 -19.82 -4.64
CA TRP B 264 24.13 -18.98 -3.52
C TRP B 264 23.32 -17.70 -3.39
N CYS B 265 22.28 -17.51 -4.21
CA CYS B 265 21.38 -16.38 -4.09
C CYS B 265 20.21 -16.80 -3.21
N VAL B 266 20.33 -16.49 -1.92
CA VAL B 266 19.40 -16.94 -0.90
C VAL B 266 19.00 -15.74 -0.04
N PRO B 267 17.72 -15.53 0.24
CA PRO B 267 17.32 -14.41 1.10
C PRO B 267 17.67 -14.66 2.55
N ARG B 268 17.76 -13.55 3.31
CA ARG B 268 18.02 -13.60 4.73
C ARG B 268 16.96 -12.82 5.47
N TYR B 269 16.38 -13.42 6.51
CA TYR B 269 15.26 -12.87 7.23
C TYR B 269 15.71 -12.21 8.54
N THR B 270 15.16 -11.04 8.83
CA THR B 270 15.39 -10.37 10.10
C THR B 270 14.08 -9.72 10.54
N PHE B 271 13.94 -9.50 11.85
CA PHE B 271 12.72 -8.92 12.40
C PHE B 271 13.07 -7.87 13.43
N ARG B 272 12.36 -6.75 13.39
CA ARG B 272 12.60 -5.64 14.31
C ARG B 272 11.27 -5.13 14.86
N ARG B 273 11.36 -4.44 16.00
CA ARG B 273 10.22 -3.75 16.60
C ARG B 273 10.31 -2.27 16.22
N LEU B 274 9.40 -1.83 15.35
CA LEU B 274 9.54 -0.51 14.76
C LEU B 274 9.13 0.60 15.72
N ASP B 275 8.09 0.39 16.53
CA ASP B 275 7.57 1.45 17.37
C ASP B 275 8.47 1.67 18.60
N ASN B 276 8.04 2.58 19.47
CA ASN B 276 8.82 2.99 20.63
C ASN B 276 8.09 2.56 21.90
N LYS B 277 8.82 1.90 22.80
CA LYS B 277 8.22 1.47 24.07
C LYS B 277 8.08 2.63 25.04
N ASP B 278 9.01 3.57 25.02
CA ASP B 278 9.05 4.61 26.04
C ASP B 278 7.81 5.51 25.94
N PRO B 279 7.10 5.73 27.04
CA PRO B 279 5.91 6.59 26.99
C PRO B 279 6.21 8.07 27.21
N ASP B 280 7.46 8.44 27.47
CA ASP B 280 7.80 9.82 27.78
C ASP B 280 8.31 10.62 26.58
N ASN B 281 8.30 10.03 25.38
CA ASN B 281 8.84 10.73 24.22
C ASN B 281 7.88 10.72 23.04
N ASN B 282 7.05 9.69 22.94
CA ASN B 282 6.15 9.53 21.79
C ASN B 282 4.73 9.94 22.15
N VAL B 283 3.86 9.89 21.14
CA VAL B 283 2.46 10.24 21.28
C VAL B 283 1.62 9.00 20.99
N ALA B 284 0.67 8.70 21.86
CA ALA B 284 -0.22 7.55 21.73
C ALA B 284 0.59 6.26 21.56
N PRO B 285 1.22 5.76 22.62
CA PRO B 285 2.01 4.53 22.49
C PRO B 285 1.14 3.37 22.05
N GLY B 286 1.72 2.46 21.28
CA GLY B 286 0.98 1.35 20.73
C GLY B 286 0.51 1.61 19.32
N TYR B 287 -0.38 0.74 18.87
CA TYR B 287 -0.93 0.80 17.51
C TYR B 287 -2.39 0.40 17.56
N ASN B 288 -3.27 1.33 17.19
CA ASN B 288 -4.71 1.04 17.15
C ASN B 288 -5.37 1.96 16.14
N PHE B 289 -6.56 1.58 15.71
CA PHE B 289 -7.33 2.43 14.82
C PHE B 289 -8.82 2.11 14.97
N ARG B 290 -9.64 3.06 14.53
CA ARG B 290 -11.08 2.98 14.69
C ARG B 290 -11.75 2.76 13.34
N PHE B 291 -12.77 1.89 13.31
CA PHE B 291 -13.59 1.74 12.13
C PHE B 291 -15.03 1.51 12.58
N ALA B 292 -15.94 1.43 11.61
CA ALA B 292 -17.36 1.40 11.89
C ALA B 292 -18.07 0.40 10.99
N LYS B 293 -19.18 -0.13 11.48
CA LYS B 293 -20.10 -0.95 10.69
C LYS B 293 -21.47 -0.30 10.72
N TYR B 294 -22.02 0.01 9.54
CA TYR B 294 -23.24 0.79 9.42
C TYR B 294 -24.44 -0.13 9.23
N TYR B 295 -25.47 0.05 10.05
CA TYR B 295 -26.70 -0.71 9.99
C TYR B 295 -27.87 0.22 9.75
N LYS B 296 -28.90 -0.30 9.09
CA LYS B 296 -30.15 0.43 8.88
C LYS B 296 -31.26 -0.28 9.62
N ASN B 297 -31.95 0.47 10.50
CA ASN B 297 -33.02 -0.11 11.29
C ASN B 297 -34.28 -0.31 10.45
N SER B 298 -35.28 -0.93 11.08
CA SER B 298 -36.58 -1.11 10.41
C SER B 298 -37.24 0.24 10.13
N ASP B 299 -37.12 1.19 11.07
CA ASP B 299 -37.69 2.51 10.90
C ASP B 299 -36.96 3.34 9.84
N GLY B 300 -35.81 2.87 9.35
CA GLY B 300 -35.02 3.61 8.40
C GLY B 300 -33.92 4.45 9.00
N THR B 301 -33.88 4.61 10.32
CA THR B 301 -32.81 5.35 10.97
C THR B 301 -31.50 4.58 10.83
N GLU B 302 -30.41 5.31 10.59
CA GLU B 302 -29.11 4.69 10.44
C GLU B 302 -28.34 4.69 11.76
N THR B 303 -27.88 3.51 12.17
CA THR B 303 -27.05 3.36 13.35
C THR B 303 -25.69 2.80 12.94
N ARG B 304 -24.73 2.85 13.85
CA ARG B 304 -23.41 2.32 13.54
C ARG B 304 -22.80 1.71 14.79
N THR B 305 -21.97 0.69 14.58
CA THR B 305 -21.19 0.07 15.64
C THR B 305 -19.73 0.45 15.44
N LEU B 306 -19.16 1.11 16.43
CA LEU B 306 -17.80 1.64 16.35
C LEU B 306 -16.83 0.71 17.08
N ILE B 307 -15.83 0.22 16.35
CA ILE B 307 -14.85 -0.71 16.89
C ILE B 307 -13.50 -0.01 16.90
N LYS B 308 -12.88 0.07 18.08
CA LYS B 308 -11.52 0.57 18.22
C LYS B 308 -10.64 -0.66 18.44
N GLY B 309 -9.79 -0.97 17.46
CA GLY B 309 -9.02 -2.19 17.45
C GLY B 309 -7.53 -1.93 17.63
N TYR B 310 -6.95 -2.67 18.56
CA TYR B 310 -5.51 -2.68 18.80
C TYR B 310 -4.94 -3.97 18.25
N GLY B 311 -3.90 -3.87 17.43
CA GLY B 311 -3.34 -5.04 16.81
C GLY B 311 -1.86 -4.85 16.51
N ILE B 312 -1.25 -5.93 16.03
CA ILE B 312 0.16 -5.93 15.64
C ILE B 312 0.20 -5.81 14.13
N ARG B 313 0.83 -4.75 13.63
CA ARG B 313 0.97 -4.54 12.20
C ARG B 313 2.35 -5.00 11.75
N PHE B 314 2.38 -5.97 10.85
CA PHE B 314 3.63 -6.54 10.36
C PHE B 314 3.97 -5.92 9.02
N ASP B 315 5.09 -5.20 8.96
CA ASP B 315 5.56 -4.57 7.74
C ASP B 315 6.60 -5.47 7.09
N VAL B 316 6.42 -5.76 5.81
CA VAL B 316 7.38 -6.55 5.05
C VAL B 316 8.18 -5.60 4.17
N MET B 317 9.47 -5.48 4.46
CA MET B 317 10.37 -4.59 3.73
C MET B 317 11.45 -5.42 3.06
N VAL B 318 11.50 -5.37 1.73
CA VAL B 318 12.44 -6.15 0.94
C VAL B 318 13.46 -5.20 0.33
N PHE B 319 14.74 -5.52 0.51
CA PHE B 319 15.82 -4.71 -0.05
C PHE B 319 16.98 -5.62 -0.39
N GLY B 320 17.85 -5.13 -1.27
CA GLY B 320 19.02 -5.89 -1.66
C GLY B 320 19.80 -5.16 -2.72
N GLN B 321 20.88 -5.81 -3.16
CA GLN B 321 21.73 -5.25 -4.22
C GLN B 321 22.60 -6.38 -4.76
N ALA B 322 22.57 -6.58 -6.07
CA ALA B 322 23.26 -7.68 -6.70
C ALA B 322 24.30 -7.17 -7.68
N GLY B 323 25.41 -7.89 -7.80
CA GLY B 323 26.51 -7.46 -8.63
C GLY B 323 26.94 -8.52 -9.62
N LYS B 324 27.53 -8.04 -10.72
CA LYS B 324 28.06 -8.88 -11.78
C LYS B 324 29.44 -8.37 -12.17
N PHE B 325 30.07 -9.05 -13.12
CA PHE B 325 31.43 -8.71 -13.53
C PHE B 325 31.39 -7.76 -14.73
N ASN B 326 32.25 -6.74 -14.68
CA ASN B 326 32.38 -5.78 -15.76
C ASN B 326 33.84 -5.41 -15.95
N ILE B 327 34.27 -5.30 -17.20
CA ILE B 327 35.68 -5.06 -17.50
C ILE B 327 36.06 -3.60 -17.22
N ILE B 328 35.20 -2.66 -17.60
CA ILE B 328 35.56 -1.24 -17.50
C ILE B 328 35.81 -0.80 -16.06
N PRO B 329 34.95 -1.09 -15.09
CA PRO B 329 35.29 -0.73 -13.70
C PRO B 329 36.58 -1.38 -13.22
N THR B 330 36.84 -2.61 -13.64
CA THR B 330 38.08 -3.29 -13.26
C THR B 330 39.29 -2.52 -13.77
N LEU B 331 39.25 -2.13 -15.05
CA LEU B 331 40.37 -1.40 -15.64
C LEU B 331 40.54 -0.03 -14.96
N LEU B 332 39.43 0.66 -14.70
CA LEU B 332 39.52 1.97 -14.05
C LEU B 332 40.12 1.86 -12.65
N ASN B 333 39.67 0.87 -11.87
CA ASN B 333 40.21 0.67 -10.53
C ASN B 333 41.68 0.30 -10.58
N ILE B 334 42.07 -0.56 -11.53
CA ILE B 334 43.47 -0.94 -11.65
C ILE B 334 44.33 0.28 -11.99
N GLY B 335 43.88 1.11 -12.93
CA GLY B 335 44.62 2.30 -13.28
C GLY B 335 44.78 3.25 -12.10
N ALA B 336 43.69 3.48 -11.36
CA ALA B 336 43.79 4.36 -10.19
C ALA B 336 44.72 3.79 -9.13
N GLY B 337 44.68 2.47 -8.90
CA GLY B 337 45.58 1.87 -7.93
C GLY B 337 47.04 2.01 -8.33
N LEU B 338 47.35 1.77 -9.61
CA LEU B 338 48.71 1.98 -10.08
C LEU B 338 49.13 3.43 -10.00
N ALA B 339 48.20 4.37 -10.20
CA ALA B 339 48.52 5.78 -10.00
C ALA B 339 48.87 6.06 -8.55
N LEU B 340 48.09 5.50 -7.61
CA LEU B 340 48.39 5.67 -6.19
C LEU B 340 49.70 5.00 -5.79
N LEU B 341 50.13 3.99 -6.55
CA LEU B 341 51.45 3.40 -6.31
C LEU B 341 52.56 4.44 -6.45
N GLY B 342 52.34 5.47 -7.27
CA GLY B 342 53.31 6.56 -7.36
C GLY B 342 53.46 7.30 -6.05
N LEU B 343 52.33 7.64 -5.42
CA LEU B 343 52.38 8.24 -4.09
C LEU B 343 53.01 7.30 -3.08
N VAL B 344 52.72 6.00 -3.19
CA VAL B 344 53.32 5.03 -2.28
C VAL B 344 54.84 5.07 -2.39
N ASN B 345 55.36 5.06 -3.63
CA ASN B 345 56.80 5.13 -3.84
C ASN B 345 57.38 6.45 -3.35
N VAL B 346 56.68 7.55 -3.60
CA VAL B 346 57.18 8.86 -3.17
C VAL B 346 57.28 8.92 -1.65
N ILE B 347 56.27 8.41 -0.95
CA ILE B 347 56.30 8.40 0.51
C ILE B 347 57.39 7.47 1.01
N CYS B 348 57.56 6.32 0.36
CA CYS B 348 58.61 5.39 0.77
C CYS B 348 60.00 5.99 0.56
N ASP B 349 60.15 6.87 -0.43
CA ASP B 349 61.45 7.50 -0.67
C ASP B 349 61.87 8.35 0.53
N TRP B 350 60.94 9.09 1.12
CA TRP B 350 61.24 9.93 2.27
C TRP B 350 61.45 9.10 3.52
N ILE C 35 46.72 6.09 -25.83
CA ILE C 35 45.52 5.79 -26.59
C ILE C 35 44.34 6.59 -26.07
N ALA C 36 44.32 7.88 -26.40
CA ALA C 36 43.22 8.74 -25.97
C ALA C 36 41.89 8.33 -26.60
N TYR C 37 41.93 7.75 -27.79
CA TYR C 37 40.70 7.30 -28.44
C TYR C 37 40.02 6.21 -27.64
N VAL C 38 40.80 5.28 -27.09
CA VAL C 38 40.22 4.17 -26.34
C VAL C 38 39.50 4.68 -25.09
N ILE C 39 40.15 5.55 -24.33
CA ILE C 39 39.53 6.06 -23.11
C ILE C 39 38.36 6.96 -23.44
N GLY C 40 38.45 7.73 -24.53
CA GLY C 40 37.32 8.53 -24.95
C GLY C 40 36.11 7.70 -25.29
N TYR C 41 36.31 6.63 -26.06
CA TYR C 41 35.21 5.73 -26.40
C TYR C 41 34.66 5.04 -25.16
N VAL C 42 35.53 4.67 -24.22
CA VAL C 42 35.08 4.01 -22.98
C VAL C 42 34.19 4.96 -22.19
N CYS C 43 34.62 6.21 -22.04
CA CYS C 43 33.79 7.19 -21.34
C CYS C 43 32.50 7.47 -22.09
N VAL C 44 32.54 7.43 -23.42
CA VAL C 44 31.33 7.70 -24.20
C VAL C 44 30.29 6.59 -24.00
N TYR C 45 30.71 5.34 -24.12
CA TYR C 45 29.72 4.26 -24.11
C TYR C 45 29.39 3.75 -22.72
N ASN C 46 30.31 3.86 -21.76
CA ASN C 46 30.06 3.38 -20.41
C ASN C 46 29.30 4.37 -19.55
N LYS C 47 29.08 5.59 -20.05
CA LYS C 47 28.42 6.65 -19.29
C LYS C 47 29.15 6.94 -17.98
N GLY C 48 30.49 6.90 -18.03
CA GLY C 48 31.27 7.21 -16.84
C GLY C 48 31.25 8.69 -16.50
N TYR C 49 31.05 9.54 -17.52
CA TYR C 49 30.92 10.97 -17.30
C TYR C 49 29.58 11.35 -16.68
N GLN C 50 28.65 10.41 -16.59
CA GLN C 50 27.31 10.69 -16.12
C GLN C 50 27.25 10.68 -14.59
N ASP C 51 26.36 11.49 -14.04
CA ASP C 51 26.02 11.46 -12.62
C ASP C 51 24.55 11.06 -12.52
N THR C 52 24.26 10.00 -11.78
CA THR C 52 22.98 9.32 -11.84
C THR C 52 22.18 9.53 -10.56
N ASP C 53 20.86 9.34 -10.70
CA ASP C 53 19.92 9.50 -9.59
C ASP C 53 18.72 8.61 -9.84
N THR C 54 18.00 8.31 -8.76
CA THR C 54 16.85 7.40 -8.79
C THR C 54 15.55 8.19 -8.97
N VAL C 55 14.43 7.47 -9.00
CA VAL C 55 13.14 8.03 -9.38
C VAL C 55 12.16 7.90 -8.22
N LEU C 56 11.43 8.98 -7.95
CA LEU C 56 10.40 9.02 -6.92
C LEU C 56 9.04 9.15 -7.61
N SER C 57 8.21 8.11 -7.52
CA SER C 57 7.06 7.98 -8.40
C SER C 57 5.74 7.89 -7.63
N SER C 58 4.67 8.29 -8.32
CA SER C 58 3.30 8.16 -7.84
C SER C 58 2.44 7.60 -8.96
N VAL C 59 1.53 6.68 -8.61
CA VAL C 59 0.72 5.96 -9.59
C VAL C 59 -0.75 6.07 -9.17
N THR C 60 -1.63 6.26 -10.16
CA THR C 60 -3.07 6.29 -9.91
C THR C 60 -3.77 5.55 -11.03
N THR C 61 -4.52 4.51 -10.69
CA THR C 61 -5.19 3.67 -11.68
C THR C 61 -6.69 3.69 -11.47
N LYS C 62 -7.44 3.81 -12.58
CA LYS C 62 -8.89 3.79 -12.54
C LYS C 62 -9.41 2.77 -13.55
N VAL C 63 -10.32 1.90 -13.09
CA VAL C 63 -10.83 0.80 -13.91
C VAL C 63 -12.24 1.12 -14.36
N LYS C 64 -12.51 0.90 -15.64
CA LYS C 64 -13.82 1.17 -16.24
C LYS C 64 -14.28 -0.07 -16.98
N GLY C 65 -15.54 -0.43 -16.79
CA GLY C 65 -16.12 -1.57 -17.47
C GLY C 65 -17.38 -2.02 -16.75
N ILE C 66 -18.02 -3.03 -17.34
CA ILE C 66 -19.22 -3.63 -16.76
C ILE C 66 -19.19 -5.11 -17.08
N ALA C 67 -19.89 -5.90 -16.26
CA ALA C 67 -19.93 -7.35 -16.43
C ALA C 67 -21.32 -7.87 -16.10
N LEU C 68 -21.73 -8.90 -16.83
CA LEU C 68 -23.02 -9.53 -16.62
C LEU C 68 -22.80 -11.00 -16.25
N THR C 69 -23.51 -11.44 -15.23
CA THR C 69 -23.46 -12.84 -14.79
C THR C 69 -24.86 -13.42 -14.81
N ASN C 70 -24.96 -14.71 -15.12
CA ASN C 70 -26.24 -15.39 -15.26
C ASN C 70 -26.13 -16.77 -14.63
N THR C 71 -26.54 -16.88 -13.37
CA THR C 71 -26.40 -18.12 -12.63
C THR C 71 -27.77 -18.48 -12.04
N SER C 72 -27.94 -19.75 -11.71
CA SER C 72 -29.18 -20.19 -11.08
C SER C 72 -29.36 -19.56 -9.71
N GLU C 73 -28.28 -19.47 -8.93
CA GLU C 73 -28.38 -18.95 -7.57
C GLU C 73 -28.60 -17.45 -7.56
N LEU C 74 -27.85 -16.71 -8.38
CA LEU C 74 -27.90 -15.25 -8.38
C LEU C 74 -28.83 -14.68 -9.44
N GLY C 75 -29.55 -15.52 -10.17
CA GLY C 75 -30.39 -15.04 -11.26
C GLY C 75 -29.55 -14.35 -12.33
N GLU C 76 -30.05 -13.23 -12.83
CA GLU C 76 -29.31 -12.38 -13.75
C GLU C 76 -28.81 -11.16 -12.98
N ARG C 77 -27.54 -10.82 -13.15
CA ARG C 77 -26.88 -9.84 -12.32
C ARG C 77 -25.92 -9.01 -13.17
N ILE C 78 -25.70 -7.77 -12.73
CA ILE C 78 -24.72 -6.89 -13.35
C ILE C 78 -23.77 -6.38 -12.27
N TRP C 79 -22.54 -6.10 -12.66
CA TRP C 79 -21.47 -5.76 -11.72
C TRP C 79 -20.85 -4.43 -12.13
N ASP C 80 -21.09 -3.39 -11.34
CA ASP C 80 -20.57 -2.07 -11.63
C ASP C 80 -19.12 -1.95 -11.15
N VAL C 81 -18.58 -0.73 -11.23
CA VAL C 81 -17.20 -0.49 -10.82
C VAL C 81 -17.04 -0.71 -9.33
N ALA C 82 -18.11 -0.55 -8.56
CA ALA C 82 -18.06 -0.68 -7.12
C ALA C 82 -18.18 -2.12 -6.62
N ASP C 83 -18.32 -3.09 -7.53
CA ASP C 83 -18.51 -4.48 -7.15
C ASP C 83 -17.27 -5.34 -7.33
N TYR C 84 -16.63 -5.28 -8.50
CA TYR C 84 -15.53 -6.20 -8.79
C TYR C 84 -14.16 -5.66 -8.41
N ILE C 85 -14.07 -4.46 -7.83
CA ILE C 85 -12.81 -3.97 -7.29
C ILE C 85 -12.90 -3.99 -5.78
N ILE C 86 -12.45 -5.09 -5.16
CA ILE C 86 -12.69 -5.27 -3.73
C ILE C 86 -12.01 -4.21 -2.88
N PRO C 87 -10.72 -3.92 -3.04
CA PRO C 87 -10.18 -2.70 -2.44
C PRO C 87 -10.51 -1.50 -3.29
N PRO C 88 -11.39 -0.62 -2.81
CA PRO C 88 -11.98 0.39 -3.71
C PRO C 88 -10.97 1.27 -4.40
N GLN C 89 -9.91 1.68 -3.69
CA GLN C 89 -8.81 2.40 -4.33
C GLN C 89 -7.60 2.30 -3.42
N GLU C 90 -6.58 1.56 -3.86
CA GLU C 90 -5.28 1.54 -3.21
C GLU C 90 -4.24 1.92 -4.24
N ASP C 91 -3.37 2.86 -3.89
CA ASP C 91 -2.40 3.37 -4.85
C ASP C 91 -1.28 2.36 -5.06
N GLY C 92 -1.00 2.03 -6.31
CA GLY C 92 0.06 1.11 -6.66
C GLY C 92 -0.40 -0.24 -7.21
N SER C 93 -1.64 -0.63 -6.94
CA SER C 93 -2.14 -1.92 -7.40
C SER C 93 -3.66 -1.91 -7.31
N PHE C 94 -4.29 -2.87 -7.99
CA PHE C 94 -5.73 -3.03 -7.92
C PHE C 94 -6.10 -4.49 -8.14
N PHE C 95 -7.21 -4.89 -7.53
CA PHE C 95 -7.69 -6.26 -7.57
C PHE C 95 -8.98 -6.31 -8.38
N VAL C 96 -9.08 -7.27 -9.30
CA VAL C 96 -10.23 -7.42 -10.17
C VAL C 96 -10.84 -8.79 -9.91
N LEU C 97 -11.99 -8.82 -9.25
CA LEU C 97 -12.66 -10.08 -8.97
C LEU C 97 -13.08 -10.75 -10.27
N THR C 98 -12.84 -12.05 -10.38
CA THR C 98 -13.22 -12.80 -11.57
C THR C 98 -14.07 -14.02 -11.27
N ASN C 99 -13.73 -14.79 -10.24
CA ASN C 99 -14.53 -15.94 -9.86
C ASN C 99 -14.69 -15.91 -8.34
N MET C 100 -15.72 -16.59 -7.84
CA MET C 100 -16.13 -16.30 -6.47
C MET C 100 -17.12 -17.34 -5.96
N ILE C 101 -17.03 -17.62 -4.65
CA ILE C 101 -17.89 -18.57 -3.96
C ILE C 101 -18.52 -17.86 -2.76
N ILE C 102 -19.83 -18.04 -2.61
CA ILE C 102 -20.60 -17.41 -1.54
C ILE C 102 -21.08 -18.47 -0.57
N THR C 103 -21.00 -18.17 0.72
CA THR C 103 -21.76 -18.89 1.74
C THR C 103 -22.63 -17.87 2.47
N THR C 104 -23.94 -18.07 2.44
CA THR C 104 -24.88 -17.11 2.97
C THR C 104 -25.48 -17.60 4.29
N ASN C 105 -25.88 -16.64 5.12
CA ASN C 105 -26.57 -16.90 6.39
C ASN C 105 -25.73 -17.81 7.29
N GLN C 106 -24.58 -17.28 7.70
CA GLN C 106 -23.69 -17.98 8.60
C GLN C 106 -23.87 -17.43 10.01
N THR C 107 -24.18 -18.29 10.96
CA THR C 107 -24.41 -17.89 12.34
C THR C 107 -23.52 -18.72 13.26
N GLN C 108 -23.06 -18.13 14.35
CA GLN C 108 -22.20 -18.85 15.28
C GLN C 108 -23.01 -19.92 16.03
N SER C 109 -22.53 -21.16 15.99
CA SER C 109 -23.25 -22.25 16.62
C SER C 109 -22.35 -23.47 16.72
N LYS C 110 -22.77 -24.42 17.56
CA LYS C 110 -22.22 -25.76 17.55
C LYS C 110 -22.77 -26.51 16.34
N CYS C 111 -21.92 -27.28 15.67
CA CYS C 111 -22.21 -27.65 14.30
C CYS C 111 -21.37 -28.86 13.91
N ALA C 112 -21.69 -29.43 12.75
CA ALA C 112 -20.97 -30.58 12.23
C ALA C 112 -19.66 -30.13 11.58
N GLU C 113 -18.92 -31.10 11.04
CA GLU C 113 -17.62 -30.86 10.44
C GLU C 113 -17.58 -31.46 9.05
N ASN C 114 -16.78 -30.85 8.18
CA ASN C 114 -16.57 -31.39 6.84
C ASN C 114 -15.86 -32.73 6.94
N PRO C 115 -16.23 -33.71 6.11
CA PRO C 115 -15.54 -35.00 6.13
C PRO C 115 -14.04 -34.85 5.95
N THR C 116 -13.29 -35.58 6.76
CA THR C 116 -11.83 -35.54 6.77
C THR C 116 -11.32 -36.75 7.55
N PRO C 117 -10.26 -37.42 7.08
CA PRO C 117 -9.78 -38.60 7.81
C PRO C 117 -9.40 -38.32 9.25
N ALA C 118 -8.94 -37.10 9.57
CA ALA C 118 -8.61 -36.76 10.94
C ALA C 118 -9.83 -36.36 11.76
N SER C 119 -10.99 -36.20 11.14
CA SER C 119 -12.20 -35.75 11.82
C SER C 119 -13.28 -36.81 11.92
N THR C 120 -12.99 -38.04 11.49
CA THR C 120 -14.00 -39.09 11.53
C THR C 120 -14.28 -39.52 12.97
N CYS C 121 -15.53 -39.89 13.22
CA CYS C 121 -15.98 -40.31 14.54
C CYS C 121 -16.22 -41.81 14.57
N THR C 122 -15.60 -42.49 15.53
CA THR C 122 -15.96 -43.86 15.88
C THR C 122 -16.56 -43.97 17.27
N SER C 123 -16.24 -43.04 18.16
CA SER C 123 -16.82 -42.96 19.49
C SER C 123 -16.72 -41.52 19.97
N HIS C 124 -17.50 -41.20 21.01
CA HIS C 124 -17.50 -39.85 21.54
C HIS C 124 -16.16 -39.45 22.15
N ARG C 125 -15.30 -40.41 22.47
CA ARG C 125 -14.00 -40.12 23.05
C ARG C 125 -12.93 -39.81 22.01
N ASP C 126 -13.25 -39.95 20.72
CA ASP C 126 -12.25 -39.66 19.68
C ASP C 126 -11.92 -38.18 19.63
N CYS C 127 -12.93 -37.32 19.61
CA CYS C 127 -12.71 -35.89 19.55
C CYS C 127 -12.23 -35.37 20.89
N LYS C 128 -11.14 -34.60 20.87
CA LYS C 128 -10.56 -34.05 22.10
C LYS C 128 -11.18 -32.69 22.39
N ARG C 129 -11.61 -32.50 23.64
CA ARG C 129 -12.26 -31.25 24.03
C ARG C 129 -11.26 -30.10 23.96
N GLY C 130 -11.62 -29.06 23.21
CA GLY C 130 -10.81 -27.87 23.11
C GLY C 130 -9.63 -27.96 22.18
N PHE C 131 -9.43 -29.10 21.51
CA PHE C 131 -8.30 -29.24 20.59
C PHE C 131 -8.54 -28.40 19.34
N ASN C 132 -7.46 -27.80 18.83
CA ASN C 132 -7.51 -26.95 17.66
C ASN C 132 -6.83 -27.66 16.49
N ASP C 133 -7.54 -27.77 15.37
CA ASP C 133 -7.07 -28.52 14.22
C ASP C 133 -6.42 -27.59 13.20
N ALA C 134 -5.71 -28.21 12.24
CA ALA C 134 -5.02 -27.47 11.20
C ALA C 134 -5.97 -26.97 10.11
N ARG C 135 -7.15 -27.56 9.97
CA ARG C 135 -8.10 -27.09 8.97
C ARG C 135 -8.58 -25.68 9.29
N GLY C 136 -8.79 -25.38 10.57
CA GLY C 136 -9.21 -24.06 10.98
C GLY C 136 -10.69 -23.79 10.86
N ASP C 137 -11.51 -24.82 10.62
CA ASP C 137 -12.95 -24.61 10.56
C ASP C 137 -13.51 -24.20 11.92
N GLY C 138 -13.02 -24.83 13.00
CA GLY C 138 -13.49 -24.48 14.33
C GLY C 138 -12.76 -25.27 15.38
N VAL C 139 -13.13 -25.03 16.62
CA VAL C 139 -12.56 -25.71 17.78
C VAL C 139 -13.45 -26.89 18.13
N ARG C 140 -12.82 -28.01 18.48
CA ARG C 140 -13.57 -29.23 18.72
C ARG C 140 -14.30 -29.19 20.06
N THR C 141 -15.25 -30.09 20.23
CA THR C 141 -15.97 -30.29 21.48
C THR C 141 -15.92 -31.77 21.86
N GLY C 142 -16.51 -32.08 23.02
CA GLY C 142 -16.52 -33.44 23.51
C GLY C 142 -17.35 -34.39 22.67
N ARG C 143 -18.66 -34.19 22.66
CA ARG C 143 -19.55 -35.01 21.85
C ARG C 143 -19.41 -34.64 20.37
N CYS C 144 -19.75 -35.59 19.51
CA CYS C 144 -19.70 -35.36 18.08
C CYS C 144 -20.97 -35.92 17.43
N VAL C 145 -21.40 -35.27 16.36
CA VAL C 145 -22.66 -35.57 15.70
C VAL C 145 -22.39 -36.15 14.32
N SER C 146 -23.46 -36.54 13.64
CA SER C 146 -23.35 -37.15 12.32
C SER C 146 -23.50 -36.07 11.25
N TYR C 147 -22.46 -35.90 10.43
CA TYR C 147 -22.57 -35.00 9.29
C TYR C 147 -23.62 -35.49 8.31
N SER C 148 -23.64 -36.80 8.06
CA SER C 148 -24.65 -37.43 7.22
C SER C 148 -24.98 -38.78 7.84
N ALA C 149 -25.79 -39.57 7.13
CA ALA C 149 -26.14 -40.90 7.63
C ALA C 149 -24.94 -41.84 7.59
N SER C 150 -24.09 -41.70 6.57
CA SER C 150 -22.98 -42.63 6.40
C SER C 150 -21.89 -42.41 7.44
N VAL C 151 -21.52 -41.15 7.68
CA VAL C 151 -20.35 -40.83 8.49
C VAL C 151 -20.72 -39.81 9.55
N LYS C 152 -19.93 -39.76 10.62
CA LYS C 152 -20.08 -38.79 11.69
C LYS C 152 -18.75 -38.09 11.91
N THR C 153 -18.82 -36.79 12.19
CA THR C 153 -17.63 -35.97 12.38
C THR C 153 -17.75 -35.19 13.68
N CYS C 154 -16.62 -34.63 14.12
CA CYS C 154 -16.57 -33.93 15.39
C CYS C 154 -17.40 -32.65 15.35
N GLU C 155 -18.09 -32.36 16.45
CA GLU C 155 -18.88 -31.15 16.58
C GLU C 155 -17.99 -29.98 16.98
N VAL C 156 -18.13 -28.86 16.28
CA VAL C 156 -17.25 -27.71 16.46
C VAL C 156 -18.08 -26.44 16.61
N LEU C 157 -17.48 -25.44 17.26
CA LEU C 157 -18.05 -24.11 17.30
C LEU C 157 -17.59 -23.35 16.06
N SER C 158 -18.55 -22.83 15.28
CA SER C 158 -18.14 -22.14 14.06
C SER C 158 -19.33 -21.36 13.50
N TRP C 159 -19.04 -20.55 12.48
CA TRP C 159 -20.07 -19.97 11.65
C TRP C 159 -20.62 -21.05 10.74
N CYS C 160 -21.85 -21.47 10.98
CA CYS C 160 -22.45 -22.48 10.13
C CYS C 160 -23.66 -21.95 9.38
N PRO C 161 -23.99 -22.51 8.20
CA PRO C 161 -23.34 -23.66 7.53
C PRO C 161 -21.92 -23.36 7.06
N LEU C 162 -21.02 -24.34 7.14
CA LEU C 162 -19.62 -24.10 6.80
C LEU C 162 -19.48 -23.90 5.29
N GLU C 163 -18.33 -23.34 4.90
CA GLU C 163 -18.02 -23.15 3.49
C GLU C 163 -17.86 -24.51 2.82
N LYS C 164 -18.71 -24.79 1.83
CA LYS C 164 -18.64 -26.05 1.13
C LYS C 164 -17.34 -26.16 0.34
N ILE C 165 -16.68 -27.31 0.46
CA ILE C 165 -15.41 -27.52 -0.24
C ILE C 165 -15.69 -28.03 -1.65
N VAL C 166 -15.77 -27.10 -2.60
CA VAL C 166 -16.09 -27.41 -3.98
C VAL C 166 -15.16 -26.63 -4.89
N ASP C 167 -15.04 -27.10 -6.13
CA ASP C 167 -14.22 -26.40 -7.11
C ASP C 167 -14.89 -25.10 -7.54
N PRO C 168 -14.11 -24.07 -7.87
CA PRO C 168 -14.71 -22.82 -8.36
C PRO C 168 -15.38 -23.04 -9.70
N PRO C 169 -16.39 -22.25 -10.03
CA PRO C 169 -17.10 -22.45 -11.31
C PRO C 169 -16.18 -22.25 -12.49
N ASN C 170 -16.44 -23.02 -13.56
CA ASN C 170 -15.70 -22.93 -14.81
C ASN C 170 -16.69 -23.00 -15.96
N PRO C 171 -16.73 -22.00 -16.86
CA PRO C 171 -15.89 -20.80 -16.94
C PRO C 171 -16.19 -19.79 -15.83
N PRO C 172 -15.27 -18.85 -15.58
CA PRO C 172 -15.49 -17.90 -14.49
C PRO C 172 -16.71 -17.03 -14.71
N LEU C 173 -17.32 -16.60 -13.60
CA LEU C 173 -18.52 -15.76 -13.69
C LEU C 173 -18.24 -14.45 -14.41
N LEU C 174 -17.12 -13.82 -14.09
CA LEU C 174 -16.77 -12.50 -14.63
C LEU C 174 -15.80 -12.60 -15.80
N ALA C 175 -15.98 -13.58 -16.69
CA ALA C 175 -15.16 -13.63 -17.89
C ALA C 175 -15.23 -12.34 -18.70
N ASP C 176 -16.33 -11.60 -18.58
CA ASP C 176 -16.43 -10.28 -19.21
C ASP C 176 -15.35 -9.32 -18.73
N ALA C 177 -14.75 -9.56 -17.57
CA ALA C 177 -13.63 -8.75 -17.11
C ALA C 177 -12.43 -8.85 -18.05
N GLU C 178 -12.52 -9.67 -19.10
CA GLU C 178 -11.49 -9.65 -20.14
C GLU C 178 -11.49 -8.32 -20.89
N ASN C 179 -12.63 -7.63 -20.93
CA ASN C 179 -12.79 -6.45 -21.77
C ASN C 179 -12.73 -5.13 -21.00
N PHE C 180 -12.33 -5.17 -19.73
CA PHE C 180 -12.26 -3.94 -18.96
C PHE C 180 -11.10 -3.07 -19.44
N THR C 181 -11.14 -1.79 -19.07
CA THR C 181 -10.04 -0.88 -19.37
C THR C 181 -9.52 -0.27 -18.07
N VAL C 182 -8.23 0.05 -18.06
CA VAL C 182 -7.60 0.65 -16.90
C VAL C 182 -6.75 1.83 -17.36
N LEU C 183 -6.98 2.99 -16.75
CA LEU C 183 -6.21 4.20 -17.02
C LEU C 183 -5.17 4.34 -15.92
N ILE C 184 -3.90 4.41 -16.31
CA ILE C 184 -2.78 4.49 -15.39
C ILE C 184 -2.12 5.85 -15.57
N LYS C 185 -2.15 6.67 -14.53
CA LYS C 185 -1.53 7.99 -14.53
C LYS C 185 -0.31 7.94 -13.62
N ASN C 186 0.85 8.25 -14.17
CA ASN C 186 2.12 8.17 -13.45
C ASN C 186 2.75 9.55 -13.37
N ASN C 187 3.46 9.79 -12.27
CA ASN C 187 4.13 11.08 -12.05
C ASN C 187 5.43 10.83 -11.31
N ILE C 188 6.55 11.15 -11.97
CA ILE C 188 7.86 10.89 -11.39
C ILE C 188 8.57 12.21 -11.12
N ARG C 189 9.51 12.14 -10.18
CA ARG C 189 10.39 13.25 -9.84
C ARG C 189 11.78 12.71 -9.57
N TYR C 190 12.78 13.38 -10.16
CA TYR C 190 14.18 13.16 -9.83
C TYR C 190 14.61 14.29 -8.89
N PRO C 191 14.91 14.01 -7.63
CA PRO C 191 15.12 15.08 -6.65
C PRO C 191 16.35 15.93 -6.89
N LYS C 192 17.51 15.29 -7.07
CA LYS C 192 18.77 16.02 -7.17
C LYS C 192 18.78 16.93 -8.38
N PHE C 193 18.28 16.46 -9.52
CA PHE C 193 18.22 17.26 -10.73
C PHE C 193 17.01 18.17 -10.78
N ASN C 194 16.09 18.05 -9.84
CA ASN C 194 14.84 18.81 -9.82
C ASN C 194 14.06 18.61 -11.12
N PHE C 195 13.70 17.36 -11.37
CA PHE C 195 12.97 16.97 -12.58
C PHE C 195 11.58 16.47 -12.20
N ASN C 196 10.56 16.95 -12.89
CA ASN C 196 9.19 16.48 -12.71
C ASN C 196 8.63 16.08 -14.07
N LYS C 197 7.95 14.94 -14.12
CA LYS C 197 7.36 14.50 -15.39
C LYS C 197 6.16 13.62 -15.12
N ARG C 198 5.30 13.50 -16.13
CA ARG C 198 4.15 12.61 -16.10
C ARG C 198 4.10 11.82 -17.40
N ASN C 199 3.51 10.62 -17.34
CA ASN C 199 3.53 9.73 -18.50
C ASN C 199 2.58 10.20 -19.60
N ILE C 200 1.66 11.11 -19.31
CA ILE C 200 0.77 11.67 -20.33
C ILE C 200 1.57 12.73 -21.07
N LEU C 201 1.99 12.42 -22.29
CA LEU C 201 2.83 13.33 -23.05
C LEU C 201 2.03 14.58 -23.43
N PRO C 202 2.70 15.73 -23.58
CA PRO C 202 1.96 16.97 -23.85
C PRO C 202 1.45 17.09 -25.27
N ASN C 203 1.92 16.25 -26.19
CA ASN C 203 1.35 16.24 -27.54
C ASN C 203 -0.07 15.70 -27.53
N ILE C 204 -0.39 14.82 -26.59
CA ILE C 204 -1.72 14.24 -26.49
C ILE C 204 -2.70 15.27 -25.95
N ASN C 205 -3.97 15.13 -26.32
CA ASN C 205 -5.03 16.00 -25.83
C ASN C 205 -6.18 15.16 -25.32
N SER C 206 -7.09 15.82 -24.59
CA SER C 206 -8.19 15.10 -23.95
C SER C 206 -9.15 14.49 -24.98
N SER C 207 -9.33 15.14 -26.13
CA SER C 207 -10.22 14.61 -27.15
C SER C 207 -9.75 13.24 -27.64
N TYR C 208 -8.44 13.10 -27.85
CA TYR C 208 -7.89 11.80 -28.24
C TYR C 208 -7.97 10.80 -27.09
N LEU C 209 -7.72 11.25 -25.87
CA LEU C 209 -7.71 10.37 -24.70
C LEU C 209 -9.10 9.88 -24.32
N THR C 210 -10.16 10.55 -24.75
CA THR C 210 -11.51 10.12 -24.41
C THR C 210 -11.83 8.75 -25.02
N HIS C 211 -11.45 8.54 -26.28
CA HIS C 211 -11.80 7.31 -26.98
C HIS C 211 -10.55 6.56 -27.44
N CYS C 212 -9.57 6.42 -26.54
CA CYS C 212 -8.28 5.84 -26.87
C CYS C 212 -8.10 4.50 -26.18
N VAL C 213 -7.38 3.60 -26.85
CA VAL C 213 -7.01 2.29 -26.31
C VAL C 213 -5.57 2.02 -26.68
N PHE C 214 -4.78 1.59 -25.69
CA PHE C 214 -3.35 1.33 -25.94
C PHE C 214 -3.18 0.16 -26.90
N SER C 215 -2.19 0.30 -27.78
CA SER C 215 -1.81 -0.77 -28.70
C SER C 215 -0.42 -0.46 -29.23
N ARG C 216 0.47 -1.45 -29.22
CA ARG C 216 1.87 -1.21 -29.55
C ARG C 216 2.02 -0.71 -30.98
N LYS C 217 1.27 -1.28 -31.92
CA LYS C 217 1.44 -0.92 -33.32
C LYS C 217 0.80 0.43 -33.66
N THR C 218 -0.32 0.78 -33.03
CA THR C 218 -1.12 1.94 -33.43
C THR C 218 -1.03 3.09 -32.44
N ASP C 219 -1.24 2.83 -31.15
CA ASP C 219 -1.33 3.89 -30.14
C ASP C 219 -0.35 3.58 -29.02
N PRO C 220 0.94 3.79 -29.24
CA PRO C 220 1.92 3.46 -28.19
C PRO C 220 1.93 4.44 -27.03
N ASP C 221 1.39 5.65 -27.20
CA ASP C 221 1.44 6.69 -26.18
C ASP C 221 0.19 6.74 -25.33
N CYS C 222 -0.72 5.77 -25.48
CA CYS C 222 -1.98 5.78 -24.76
C CYS C 222 -1.81 5.09 -23.41
N PRO C 223 -2.16 5.73 -22.30
CA PRO C 223 -2.08 5.04 -21.00
C PRO C 223 -3.25 4.11 -20.72
N ILE C 224 -4.31 4.15 -21.52
CA ILE C 224 -5.52 3.38 -21.26
C ILE C 224 -5.31 1.95 -21.79
N PHE C 225 -4.94 1.04 -20.90
CA PHE C 225 -4.72 -0.35 -21.28
C PHE C 225 -6.01 -1.15 -21.17
N ARG C 226 -6.00 -2.33 -21.79
CA ARG C 226 -7.07 -3.29 -21.67
C ARG C 226 -6.58 -4.50 -20.88
N LEU C 227 -7.41 -5.01 -19.98
CA LEU C 227 -7.00 -6.12 -19.12
C LEU C 227 -6.66 -7.36 -19.96
N GLY C 228 -7.48 -7.64 -20.97
CA GLY C 228 -7.18 -8.75 -21.85
C GLY C 228 -5.85 -8.59 -22.56
N ASP C 229 -5.56 -7.38 -23.05
CA ASP C 229 -4.28 -7.12 -23.70
C ASP C 229 -3.12 -7.24 -22.71
N ILE C 230 -3.31 -6.74 -21.48
CA ILE C 230 -2.26 -6.82 -20.47
C ILE C 230 -1.92 -8.27 -20.18
N VAL C 231 -2.93 -9.12 -20.02
CA VAL C 231 -2.67 -10.53 -19.75
C VAL C 231 -2.09 -11.22 -20.98
N GLY C 232 -2.58 -10.88 -22.17
CA GLY C 232 -2.13 -11.55 -23.37
C GLY C 232 -0.68 -11.26 -23.71
N GLU C 233 -0.24 -10.02 -23.51
CA GLU C 233 1.14 -9.66 -23.82
C GLU C 233 2.14 -10.30 -22.88
N ALA C 234 1.69 -10.92 -21.79
CA ALA C 234 2.55 -11.71 -20.92
C ALA C 234 2.53 -13.20 -21.30
N GLU C 235 2.08 -13.51 -22.51
CA GLU C 235 2.00 -14.88 -23.01
C GLU C 235 1.12 -15.75 -22.12
N GLU C 236 -0.05 -15.23 -21.78
CA GLU C 236 -1.02 -15.92 -20.95
C GLU C 236 -2.41 -15.82 -21.57
N ASP C 237 -3.32 -16.63 -21.06
CA ASP C 237 -4.73 -16.60 -21.46
C ASP C 237 -5.57 -16.12 -20.29
N PHE C 238 -6.38 -15.09 -20.51
CA PHE C 238 -7.18 -14.54 -19.42
C PHE C 238 -8.26 -15.53 -18.97
N GLN C 239 -8.87 -16.26 -19.90
CA GLN C 239 -9.97 -17.15 -19.54
C GLN C 239 -9.50 -18.25 -18.60
N ILE C 240 -8.33 -18.82 -18.86
CA ILE C 240 -7.77 -19.83 -17.96
C ILE C 240 -7.29 -19.18 -16.66
N MET C 241 -6.71 -17.99 -16.74
CA MET C 241 -6.18 -17.33 -15.54
C MET C 241 -7.29 -17.00 -14.55
N ALA C 242 -8.44 -16.55 -15.03
CA ALA C 242 -9.49 -16.04 -14.15
C ALA C 242 -10.13 -17.12 -13.28
N VAL C 243 -9.97 -18.41 -13.63
CA VAL C 243 -10.62 -19.46 -12.86
C VAL C 243 -10.07 -19.52 -11.44
N ARG C 244 -8.75 -19.41 -11.29
CA ARG C 244 -8.11 -19.42 -9.98
C ARG C 244 -7.33 -18.16 -9.68
N GLY C 245 -7.22 -17.23 -10.61
CA GLY C 245 -6.54 -15.98 -10.38
C GLY C 245 -5.04 -16.07 -10.60
N GLY C 246 -4.38 -14.96 -10.32
CA GLY C 246 -2.93 -14.88 -10.46
C GLY C 246 -2.49 -13.44 -10.24
N VAL C 247 -1.20 -13.29 -9.95
CA VAL C 247 -0.60 -11.99 -9.70
C VAL C 247 0.17 -11.57 -10.94
N MET C 248 -0.24 -10.45 -11.53
CA MET C 248 0.39 -9.91 -12.73
C MET C 248 1.03 -8.56 -12.39
N GLY C 249 2.26 -8.37 -12.86
CA GLY C 249 2.97 -7.13 -12.61
C GLY C 249 3.14 -6.27 -13.84
N VAL C 250 2.75 -5.01 -13.73
CA VAL C 250 2.97 -4.01 -14.78
C VAL C 250 4.13 -3.14 -14.34
N GLN C 251 5.19 -3.10 -15.15
CA GLN C 251 6.40 -2.37 -14.80
C GLN C 251 6.65 -1.26 -15.81
N ILE C 252 6.97 -0.07 -15.30
CA ILE C 252 7.20 1.12 -16.10
C ILE C 252 8.63 1.58 -15.86
N ARG C 253 9.40 1.69 -16.94
CA ARG C 253 10.80 2.09 -16.85
C ARG C 253 10.95 3.54 -17.30
N TRP C 254 11.53 4.36 -16.43
CA TRP C 254 11.81 5.77 -16.71
C TRP C 254 13.33 5.92 -16.82
N ASP C 255 13.86 5.66 -18.01
CA ASP C 255 15.29 5.80 -18.28
C ASP C 255 15.48 7.04 -19.15
N CYS C 256 15.80 8.17 -18.50
CA CYS C 256 15.86 9.45 -19.18
C CYS C 256 17.27 10.00 -19.10
N ASP C 257 17.79 10.44 -20.24
CA ASP C 257 19.09 11.08 -20.32
C ASP C 257 18.85 12.58 -20.33
N LEU C 258 19.16 13.23 -19.20
CA LEU C 258 18.83 14.64 -19.03
C LEU C 258 19.76 15.58 -19.78
N ASP C 259 20.91 15.08 -20.27
CA ASP C 259 21.75 15.90 -21.13
C ASP C 259 21.02 16.27 -22.40
N MET C 260 20.34 15.31 -23.01
CA MET C 260 19.47 15.58 -24.14
C MET C 260 18.15 16.15 -23.65
N PRO C 261 17.45 16.90 -24.51
CA PRO C 261 16.19 17.52 -24.07
C PRO C 261 15.18 16.49 -23.57
N GLN C 262 14.14 17.01 -22.91
CA GLN C 262 13.15 16.16 -22.25
C GLN C 262 12.27 15.39 -23.23
N SER C 263 12.34 15.71 -24.53
CA SER C 263 11.50 15.01 -25.49
C SER C 263 11.84 13.53 -25.59
N TRP C 264 13.05 13.14 -25.20
CA TRP C 264 13.48 11.75 -25.20
C TRP C 264 13.28 11.06 -23.85
N CYS C 265 12.68 11.75 -22.88
CA CYS C 265 12.36 11.15 -21.58
C CYS C 265 10.95 10.57 -21.68
N VAL C 266 10.89 9.28 -22.02
CA VAL C 266 9.64 8.61 -22.33
C VAL C 266 9.62 7.30 -21.56
N PRO C 267 8.52 6.95 -20.90
CA PRO C 267 8.46 5.67 -20.17
C PRO C 267 8.31 4.48 -21.12
N ARG C 268 8.70 3.32 -20.63
CA ARG C 268 8.58 2.07 -21.38
C ARG C 268 7.81 1.06 -20.55
N TYR C 269 6.80 0.45 -21.15
CA TYR C 269 5.89 -0.44 -20.46
C TYR C 269 6.26 -1.90 -20.72
N THR C 270 6.24 -2.71 -19.65
CA THR C 270 6.43 -4.14 -19.76
C THR C 270 5.46 -4.83 -18.80
N PHE C 271 5.08 -6.05 -19.13
CA PHE C 271 4.15 -6.82 -18.30
C PHE C 271 4.70 -8.22 -18.07
N ARG C 272 4.55 -8.69 -16.83
CA ARG C 272 5.11 -9.98 -16.45
C ARG C 272 4.11 -10.70 -15.56
N ARG C 273 4.23 -12.03 -15.51
CA ARG C 273 3.45 -12.85 -14.59
C ARG C 273 4.32 -13.16 -13.38
N LEU C 274 3.77 -12.94 -12.19
CA LEU C 274 4.55 -13.02 -10.96
C LEU C 274 4.38 -14.33 -10.20
N ASP C 275 3.23 -14.98 -10.30
CA ASP C 275 3.03 -16.22 -9.57
C ASP C 275 3.61 -17.40 -10.35
N ASN C 276 3.42 -18.59 -9.81
CA ASN C 276 4.02 -19.81 -10.35
C ASN C 276 2.92 -20.72 -10.89
N LYS C 277 3.09 -21.16 -12.14
CA LYS C 277 2.14 -22.11 -12.72
C LYS C 277 2.28 -23.49 -12.09
N ASP C 278 3.50 -23.93 -11.84
CA ASP C 278 3.75 -25.31 -11.48
C ASP C 278 3.14 -25.63 -10.12
N PRO C 279 2.26 -26.63 -10.02
CA PRO C 279 1.64 -26.95 -8.72
C PRO C 279 2.46 -27.86 -7.83
N ASP C 280 3.64 -28.30 -8.27
CA ASP C 280 4.45 -29.21 -7.49
C ASP C 280 5.51 -28.52 -6.64
N ASN C 281 5.55 -27.19 -6.63
CA ASN C 281 6.59 -26.47 -5.89
C ASN C 281 6.00 -25.45 -4.93
N ASN C 282 4.91 -24.80 -5.32
CA ASN C 282 4.33 -23.73 -4.54
C ASN C 282 3.19 -24.23 -3.66
N VAL C 283 2.66 -23.33 -2.85
CA VAL C 283 1.56 -23.62 -1.93
C VAL C 283 0.37 -22.76 -2.34
N ALA C 284 -0.80 -23.39 -2.44
CA ALA C 284 -2.04 -22.72 -2.84
C ALA C 284 -1.86 -21.97 -4.15
N PRO C 285 -1.78 -22.68 -5.27
CA PRO C 285 -1.60 -22.00 -6.56
C PRO C 285 -2.75 -21.06 -6.87
N GLY C 286 -2.44 -19.97 -7.56
CA GLY C 286 -3.43 -18.96 -7.85
C GLY C 286 -3.46 -17.85 -6.83
N TYR C 287 -4.47 -17.00 -6.95
CA TYR C 287 -4.64 -15.86 -6.07
C TYR C 287 -6.10 -15.77 -5.64
N ASN C 288 -6.33 -15.75 -4.33
CA ASN C 288 -7.68 -15.62 -3.79
C ASN C 288 -7.61 -15.15 -2.35
N PHE C 289 -8.73 -14.62 -1.86
CA PHE C 289 -8.82 -14.24 -0.46
C PHE C 289 -10.28 -14.22 -0.03
N ARG C 290 -10.48 -14.24 1.27
CA ARG C 290 -11.81 -14.33 1.87
C ARG C 290 -12.17 -13.03 2.57
N PHE C 291 -13.43 -12.62 2.44
CA PHE C 291 -13.93 -11.49 3.20
C PHE C 291 -15.39 -11.76 3.56
N ALA C 292 -15.97 -10.86 4.35
CA ALA C 292 -17.29 -11.08 4.92
C ALA C 292 -18.12 -9.81 4.86
N LYS C 293 -19.44 -10.00 4.80
CA LYS C 293 -20.41 -8.92 4.95
C LYS C 293 -21.32 -9.23 6.11
N TYR C 294 -21.37 -8.34 7.10
CA TYR C 294 -22.07 -8.59 8.36
C TYR C 294 -23.46 -7.97 8.31
N TYR C 295 -24.46 -8.77 8.65
CA TYR C 295 -25.85 -8.35 8.70
C TYR C 295 -26.41 -8.57 10.10
N LYS C 296 -27.36 -7.72 10.48
CA LYS C 296 -28.08 -7.84 11.74
C LYS C 296 -29.53 -8.16 11.45
N ASN C 297 -30.01 -9.28 11.99
CA ASN C 297 -31.38 -9.71 11.76
C ASN C 297 -32.35 -8.87 12.57
N SER C 298 -33.65 -9.12 12.35
CA SER C 298 -34.68 -8.44 13.13
C SER C 298 -34.60 -8.82 14.60
N ASP C 299 -34.29 -10.08 14.89
CA ASP C 299 -34.17 -10.55 16.26
C ASP C 299 -32.93 -10.00 16.96
N GLY C 300 -32.02 -9.36 16.22
CA GLY C 300 -30.79 -8.86 16.79
C GLY C 300 -29.60 -9.79 16.65
N THR C 301 -29.82 -11.03 16.23
CA THR C 301 -28.72 -11.96 16.01
C THR C 301 -27.89 -11.49 14.82
N GLU C 302 -26.57 -11.64 14.93
CA GLU C 302 -25.67 -11.23 13.86
C GLU C 302 -25.34 -12.41 12.96
N THR C 303 -25.56 -12.25 11.66
CA THR C 303 -25.18 -13.23 10.67
C THR C 303 -24.15 -12.62 9.73
N ARG C 304 -23.51 -13.45 8.92
CA ARG C 304 -22.52 -12.94 7.98
C ARG C 304 -22.54 -13.77 6.71
N THR C 305 -22.22 -13.11 5.60
CA THR C 305 -22.07 -13.75 4.30
C THR C 305 -20.59 -13.78 3.95
N LEU C 306 -20.05 -14.98 3.74
CA LEU C 306 -18.63 -15.17 3.52
C LEU C 306 -18.36 -15.36 2.03
N ILE C 307 -17.55 -14.49 1.45
CA ILE C 307 -17.23 -14.51 0.04
C ILE C 307 -15.76 -14.87 -0.10
N LYS C 308 -15.47 -15.92 -0.86
CA LYS C 308 -14.11 -16.31 -1.21
C LYS C 308 -13.91 -15.96 -2.68
N GLY C 309 -13.06 -14.97 -2.94
CA GLY C 309 -12.91 -14.42 -4.28
C GLY C 309 -11.54 -14.72 -4.86
N TYR C 310 -11.55 -15.22 -6.09
CA TYR C 310 -10.36 -15.44 -6.91
C TYR C 310 -10.34 -14.35 -7.98
N GLY C 311 -9.20 -13.67 -8.12
CA GLY C 311 -9.09 -12.62 -9.09
C GLY C 311 -7.65 -12.36 -9.49
N ILE C 312 -7.49 -11.54 -10.52
CA ILE C 312 -6.17 -11.15 -11.01
C ILE C 312 -5.77 -9.88 -10.29
N ARG C 313 -4.61 -9.90 -9.63
CA ARG C 313 -4.07 -8.73 -8.95
C ARG C 313 -2.97 -8.12 -9.81
N PHE C 314 -3.14 -6.85 -10.17
CA PHE C 314 -2.18 -6.17 -11.04
C PHE C 314 -1.29 -5.28 -10.18
N ASP C 315 0.01 -5.58 -10.16
CA ASP C 315 0.99 -4.79 -9.43
C ASP C 315 1.66 -3.82 -10.38
N VAL C 316 1.67 -2.53 -10.01
CA VAL C 316 2.32 -1.50 -10.81
C VAL C 316 3.65 -1.17 -10.15
N MET C 317 4.75 -1.44 -10.86
CA MET C 317 6.09 -1.22 -10.37
C MET C 317 6.77 -0.17 -11.25
N VAL C 318 7.29 0.88 -10.62
CA VAL C 318 7.95 1.97 -11.33
C VAL C 318 9.40 2.05 -10.87
N PHE C 319 10.32 2.07 -11.84
CA PHE C 319 11.74 2.16 -11.54
C PHE C 319 12.44 2.87 -12.68
N GLY C 320 13.62 3.40 -12.40
CA GLY C 320 14.40 4.09 -13.41
C GLY C 320 15.65 4.67 -12.81
N GLN C 321 16.42 5.34 -13.66
CA GLN C 321 17.66 5.99 -13.24
C GLN C 321 18.05 7.01 -14.30
N ALA C 322 18.18 8.27 -13.90
CA ALA C 322 18.43 9.36 -14.82
C ALA C 322 19.78 9.99 -14.54
N GLY C 323 20.47 10.42 -15.59
CA GLY C 323 21.80 10.95 -15.47
C GLY C 323 21.94 12.32 -16.09
N LYS C 324 22.93 13.06 -15.58
CA LYS C 324 23.25 14.39 -16.07
C LYS C 324 24.78 14.52 -16.17
N PHE C 325 25.23 15.64 -16.71
CA PHE C 325 26.66 15.85 -16.91
C PHE C 325 27.32 16.40 -15.66
N ASN C 326 28.54 15.95 -15.39
CA ASN C 326 29.33 16.43 -14.26
C ASN C 326 30.80 16.41 -14.62
N ILE C 327 31.52 17.46 -14.20
CA ILE C 327 32.92 17.59 -14.59
C ILE C 327 33.81 16.67 -13.77
N ILE C 328 33.56 16.58 -12.45
CA ILE C 328 34.47 15.84 -11.57
C ILE C 328 34.54 14.36 -11.93
N PRO C 329 33.43 13.64 -12.12
CA PRO C 329 33.58 12.23 -12.55
C PRO C 329 34.29 12.09 -13.88
N THR C 330 34.08 13.02 -14.80
CA THR C 330 34.77 12.96 -16.08
C THR C 330 36.27 13.08 -15.89
N LEU C 331 36.70 14.04 -15.08
CA LEU C 331 38.13 14.21 -14.83
C LEU C 331 38.72 13.00 -14.12
N LEU C 332 37.99 12.45 -13.14
CA LEU C 332 38.50 11.29 -12.42
C LEU C 332 38.66 10.09 -13.34
N ASN C 333 37.66 9.84 -14.19
CA ASN C 333 37.75 8.72 -15.13
C ASN C 333 38.85 8.92 -16.15
N ILE C 334 39.02 10.16 -16.63
CA ILE C 334 40.09 10.44 -17.59
C ILE C 334 41.46 10.19 -16.94
N GLY C 335 41.64 10.64 -15.70
CA GLY C 335 42.90 10.41 -15.03
C GLY C 335 43.18 8.93 -14.82
N ALA C 336 42.16 8.17 -14.41
CA ALA C 336 42.37 6.74 -14.22
C ALA C 336 42.67 6.03 -15.54
N GLY C 337 42.01 6.43 -16.63
CA GLY C 337 42.29 5.82 -17.91
C GLY C 337 43.70 6.11 -18.39
N LEU C 338 44.16 7.36 -18.22
CA LEU C 338 45.54 7.67 -18.58
C LEU C 338 46.54 6.94 -17.69
N ALA C 339 46.18 6.70 -16.42
CA ALA C 339 47.04 5.88 -15.57
C ALA C 339 47.12 4.44 -16.09
N LEU C 340 45.99 3.88 -16.51
CA LEU C 340 45.98 2.54 -17.10
C LEU C 340 46.73 2.48 -18.41
N LEU C 341 46.83 3.61 -19.12
CA LEU C 341 47.67 3.66 -20.31
C LEU C 341 49.12 3.31 -19.99
N GLY C 342 49.58 3.57 -18.77
CA GLY C 342 50.91 3.15 -18.37
C GLY C 342 51.06 1.64 -18.37
N LEU C 343 50.08 0.93 -17.82
CA LEU C 343 50.09 -0.53 -17.89
C LEU C 343 50.00 -1.00 -19.34
N VAL C 344 49.20 -0.31 -20.15
CA VAL C 344 49.09 -0.68 -21.56
C VAL C 344 50.45 -0.60 -22.24
N ASN C 345 51.17 0.49 -22.01
CA ASN C 345 52.50 0.65 -22.60
C ASN C 345 53.47 -0.38 -22.05
N VAL C 346 53.41 -0.66 -20.75
CA VAL C 346 54.32 -1.64 -20.15
C VAL C 346 54.10 -3.03 -20.75
N ILE C 347 52.82 -3.41 -20.92
CA ILE C 347 52.51 -4.70 -21.52
C ILE C 347 52.93 -4.75 -22.97
N CYS C 348 52.72 -3.64 -23.70
CA CYS C 348 53.13 -3.59 -25.10
C CYS C 348 54.64 -3.67 -25.26
N ASP C 349 55.39 -3.20 -24.26
CA ASP C 349 56.85 -3.28 -24.31
C ASP C 349 57.32 -4.72 -24.34
N TRP C 350 56.70 -5.58 -23.54
CA TRP C 350 57.06 -6.99 -23.49
C TRP C 350 56.58 -7.73 -24.74
#